data_6RGS
#
_entry.id   6RGS
#
_cell.length_a   119.910
_cell.length_b   159.820
_cell.length_c   142.720
_cell.angle_alpha   90.000
_cell.angle_beta   90.000
_cell.angle_gamma   90.000
#
_symmetry.space_group_name_H-M   'C 2 2 21'
#
loop_
_entity.id
_entity.type
_entity.pdbx_description
1 polymer 'Phenylalanine ammonia-lyase 1'
2 non-polymer '(E)-3-(4-methoxyphenyl)acrylic acid'
3 water water
#
_entity_poly.entity_id   1
_entity_poly.type   'polypeptide(L)'
_entity_poly.pdbx_seq_one_letter_code
;MGHHHHHHHHHHSSGHIDDDDKHMLEMENGNGATTNGHVNGNGMDFCMKTEDPLYWGIAAEAMTGSHLDEVKKMVAEYRK
PVVKLGGETLTISQVAAISARDGSGVTVELSEAARAGVKASSDWVMDSMNKGTDSYGVTTGFGATSHRRTKQGGALQKEL
IRFLNAGIFGNGSDNTLPHSATRAAMLVRINTLLQGYSGIRFEILEAITKFLNQNITPCLPLRGTIT(MDO)DLVPLSYI
AGLLTGRPNSKAVGPTGVILSPEEAFKLAGVEGGFFELQPKEGLALVNGTAVGSGMASMVLFEANILAVLAEVMSAIFAE
VMQGKPEFTDHLTHKLKHHPGQIEAAAIMEHILDGSAYVKAAQKLHEMDPLQKPKQDRYALRTSPQWLGPQIEVIRSSTK
MIEREINSVNDNPLIDVSRNKAIHGGNFQGTPIGVSMDNTRLAIAAIGKLMFAQFSELVNDFYNNGLPSNLSGGRNPSLD
YGFKGAEVAMASYCSELQFLANPVTNHVQSAEQHNQDVNSLGLISSRKTSEAVEILKLMSTTFLVGLCQAIDLRHLEENL
KSTVKNTVSSVAKRVLTMGVNGELHPSRFCEKDLLRVVDREYIFAYIDDPCSATYPLMQKLRQTLVEHALKNGDNERNLS
TSIFQKIATFEDELKALLPKEVESARAALESGNPAIPNRIEECRSYPLYKFVRKELGTEYLTGEKVTSPGEEFEKVFIAM
SKGEIIDPLLESLESWNGAPLPIS
;
_entity_poly.pdbx_strand_id   A,B
#
# COMPACT_ATOMS: atom_id res chain seq x y z
N GLU A 51 -10.23 -21.06 -17.08
CA GLU A 51 -10.87 -19.76 -16.89
C GLU A 51 -10.00 -18.83 -16.08
N ASP A 52 -9.24 -19.39 -15.13
CA ASP A 52 -8.43 -18.62 -14.20
C ASP A 52 -7.04 -19.23 -14.11
N PRO A 53 -6.27 -19.18 -15.20
CA PRO A 53 -4.97 -19.87 -15.21
C PRO A 53 -3.94 -19.23 -14.30
N LEU A 54 -3.98 -17.92 -14.10
CA LEU A 54 -3.03 -17.22 -13.26
C LEU A 54 -3.56 -16.96 -11.85
N TYR A 55 -4.78 -17.42 -11.54
CA TYR A 55 -5.36 -17.34 -10.21
C TYR A 55 -5.73 -15.93 -9.80
N TRP A 56 -5.78 -14.99 -10.74
CA TRP A 56 -6.37 -13.68 -10.44
C TRP A 56 -7.84 -13.84 -10.06
N GLY A 57 -8.56 -14.73 -10.75
CA GLY A 57 -9.99 -14.84 -10.53
C GLY A 57 -10.33 -15.32 -9.13
N ILE A 58 -9.64 -16.35 -8.65
CA ILE A 58 -9.96 -16.89 -7.34
C ILE A 58 -9.56 -15.93 -6.24
N ALA A 59 -8.50 -15.14 -6.46
CA ALA A 59 -8.16 -14.08 -5.52
C ALA A 59 -9.23 -13.01 -5.49
N ALA A 60 -9.76 -12.63 -6.66
CA ALA A 60 -10.83 -11.65 -6.71
C ALA A 60 -12.08 -12.15 -6.01
N GLU A 61 -12.39 -13.44 -6.13
CA GLU A 61 -13.58 -13.99 -5.49
C GLU A 61 -13.53 -13.87 -3.97
N ALA A 62 -12.33 -13.76 -3.39
CA ALA A 62 -12.20 -13.63 -1.95
C ALA A 62 -12.42 -12.21 -1.46
N MET A 63 -12.46 -11.23 -2.35
CA MET A 63 -12.68 -9.84 -1.97
C MET A 63 -14.14 -9.42 -2.11
N THR A 64 -15.03 -10.37 -2.37
CA THR A 64 -16.46 -10.09 -2.45
C THR A 64 -17.09 -10.20 -1.06
N GLY A 65 -18.26 -9.57 -0.91
CA GLY A 65 -18.89 -9.45 0.38
C GLY A 65 -18.38 -8.24 1.15
N SER A 66 -19.09 -7.91 2.22
CA SER A 66 -18.74 -6.75 3.02
C SER A 66 -17.55 -7.05 3.91
N HIS A 67 -16.78 -6.01 4.22
CA HIS A 67 -15.65 -6.19 5.13
C HIS A 67 -16.11 -6.62 6.51
N LEU A 68 -17.26 -6.10 6.96
CA LEU A 68 -17.78 -6.48 8.27
C LEU A 68 -18.02 -7.98 8.34
N ASP A 69 -18.70 -8.54 7.33
CA ASP A 69 -18.97 -9.98 7.33
C ASP A 69 -17.69 -10.78 7.52
N GLU A 70 -16.61 -10.39 6.84
CA GLU A 70 -15.33 -11.07 7.03
C GLU A 70 -14.90 -10.99 8.49
N VAL A 71 -15.02 -9.83 9.11
CA VAL A 71 -14.68 -9.69 10.52
C VAL A 71 -15.58 -10.57 11.37
N LYS A 72 -16.88 -10.60 11.05
CA LYS A 72 -17.79 -11.48 11.77
C LYS A 72 -17.35 -12.93 11.66
N LYS A 73 -17.11 -13.39 10.43
CA LYS A 73 -16.60 -14.75 10.25
C LYS A 73 -15.26 -14.92 10.94
N MET A 74 -14.37 -13.94 10.78
CA MET A 74 -13.05 -13.99 11.41
C MET A 74 -13.15 -14.22 12.92
N VAL A 75 -14.02 -13.45 13.58
CA VAL A 75 -14.22 -13.63 15.02
C VAL A 75 -14.84 -15.00 15.31
N ALA A 76 -15.68 -15.50 14.39
CA ALA A 76 -16.35 -16.78 14.63
C ALA A 76 -15.36 -17.93 14.68
N GLU A 77 -14.47 -18.04 13.68
CA GLU A 77 -13.51 -19.12 13.65
C GLU A 77 -12.35 -18.91 14.61
N TYR A 78 -12.11 -17.67 15.05
CA TYR A 78 -11.14 -17.44 16.11
C TYR A 78 -11.55 -18.20 17.38
N ARG A 79 -12.85 -18.18 17.69
CA ARG A 79 -13.36 -18.76 18.93
C ARG A 79 -13.73 -20.24 18.79
N LYS A 80 -13.51 -20.85 17.63
CA LYS A 80 -13.70 -22.28 17.50
C LYS A 80 -12.66 -23.02 18.35
N PRO A 81 -13.02 -24.16 18.93
CA PRO A 81 -12.12 -24.80 19.90
C PRO A 81 -10.97 -25.56 19.28
N VAL A 82 -11.04 -25.92 18.01
CA VAL A 82 -10.02 -26.74 17.37
C VAL A 82 -9.60 -26.08 16.06
N VAL A 83 -8.28 -26.01 15.84
CA VAL A 83 -7.71 -25.56 14.58
C VAL A 83 -7.18 -26.80 13.88
N LYS A 84 -7.78 -27.16 12.76
CA LYS A 84 -7.39 -28.34 12.00
C LYS A 84 -6.55 -27.89 10.81
N LEU A 85 -5.29 -28.31 10.77
CA LEU A 85 -4.37 -27.91 9.71
C LEU A 85 -4.37 -28.95 8.60
N GLY A 86 -4.68 -28.51 7.39
CA GLY A 86 -4.63 -29.37 6.22
C GLY A 86 -3.66 -28.85 5.19
N GLY A 87 -3.05 -27.70 5.46
CA GLY A 87 -2.12 -27.08 4.54
C GLY A 87 -2.76 -26.17 3.51
N GLU A 88 -4.05 -25.88 3.63
CA GLU A 88 -4.76 -25.10 2.62
C GLU A 88 -5.76 -24.10 3.19
N THR A 89 -6.17 -24.22 4.45
CA THR A 89 -7.30 -23.45 4.98
C THR A 89 -6.93 -22.61 6.19
N LEU A 90 -5.65 -22.44 6.49
CA LEU A 90 -5.26 -21.65 7.65
C LEU A 90 -5.62 -20.18 7.43
N THR A 91 -6.23 -19.57 8.44
CA THR A 91 -6.62 -18.17 8.40
C THR A 91 -5.91 -17.40 9.51
N ILE A 92 -5.89 -16.08 9.38
CA ILE A 92 -5.23 -15.24 10.38
C ILE A 92 -5.93 -15.38 11.74
N SER A 93 -7.24 -15.59 11.73
CA SER A 93 -7.96 -15.78 12.99
C SER A 93 -7.49 -17.02 13.72
N GLN A 94 -7.22 -18.10 12.97
CA GLN A 94 -6.71 -19.31 13.59
C GLN A 94 -5.28 -19.11 14.08
N VAL A 95 -4.45 -18.42 13.30
CA VAL A 95 -3.11 -18.07 13.77
C VAL A 95 -3.21 -17.27 15.06
N ALA A 96 -4.07 -16.26 15.07
CA ALA A 96 -4.25 -15.43 16.26
C ALA A 96 -4.74 -16.27 17.45
N ALA A 97 -5.79 -17.06 17.22
CA ALA A 97 -6.34 -17.88 18.30
C ALA A 97 -5.26 -18.77 18.91
N ILE A 98 -4.39 -19.35 18.08
CA ILE A 98 -3.33 -20.21 18.58
C ILE A 98 -2.24 -19.37 19.26
N SER A 99 -1.93 -18.19 18.69
CA SER A 99 -0.88 -17.36 19.25
C SER A 99 -1.20 -16.97 20.69
N ALA A 100 -2.47 -16.92 21.05
CA ALA A 100 -2.85 -16.53 22.40
C ALA A 100 -2.34 -17.55 23.41
N ARG A 101 -1.86 -17.04 24.55
CA ARG A 101 -1.46 -17.86 25.69
C ARG A 101 -2.33 -17.51 26.89
N ASP A 102 -3.63 -17.32 26.64
CA ASP A 102 -4.59 -16.92 27.66
C ASP A 102 -5.44 -18.09 28.15
N GLY A 103 -5.06 -19.32 27.84
CA GLY A 103 -5.81 -20.48 28.29
C GLY A 103 -7.16 -20.65 27.64
N SER A 104 -7.29 -20.24 26.37
CA SER A 104 -8.57 -20.36 25.68
C SER A 104 -8.97 -21.82 25.50
N GLY A 105 -8.03 -22.75 25.58
CA GLY A 105 -8.31 -24.15 25.33
C GLY A 105 -8.14 -24.58 23.89
N VAL A 106 -7.91 -23.65 22.97
CA VAL A 106 -7.79 -24.01 21.56
C VAL A 106 -6.64 -24.97 21.38
N THR A 107 -6.84 -25.99 20.54
CA THR A 107 -5.83 -26.99 20.25
C THR A 107 -5.68 -27.13 18.73
N VAL A 108 -4.56 -27.71 18.33
CA VAL A 108 -4.23 -27.89 16.92
C VAL A 108 -4.31 -29.38 16.57
N GLU A 109 -4.94 -29.67 15.44
CA GLU A 109 -5.04 -31.03 14.94
C GLU A 109 -4.51 -31.09 13.52
N LEU A 110 -3.73 -32.12 13.23
CA LEU A 110 -3.16 -32.33 11.91
C LEU A 110 -4.02 -33.30 11.12
N SER A 111 -4.45 -32.88 9.94
CA SER A 111 -5.32 -33.71 9.12
C SER A 111 -4.58 -34.94 8.62
N GLU A 112 -5.16 -36.12 8.86
CA GLU A 112 -4.57 -37.35 8.36
C GLU A 112 -4.65 -37.45 6.84
N ALA A 113 -5.46 -36.61 6.19
CA ALA A 113 -5.49 -36.57 4.74
C ALA A 113 -4.19 -36.08 4.14
N ALA A 114 -3.36 -35.39 4.92
CA ALA A 114 -2.10 -34.87 4.43
C ALA A 114 -0.91 -35.79 4.69
N ARG A 115 -1.07 -36.77 5.59
CA ARG A 115 0.06 -37.61 5.96
C ARG A 115 0.68 -38.29 4.73
N ALA A 116 -0.16 -38.84 3.86
CA ALA A 116 0.34 -39.55 2.69
C ALA A 116 1.30 -38.69 1.89
N GLY A 117 0.94 -37.43 1.65
CA GLY A 117 1.81 -36.55 0.89
C GLY A 117 3.09 -36.21 1.64
N VAL A 118 3.00 -36.07 2.96
CA VAL A 118 4.18 -35.74 3.77
C VAL A 118 5.16 -36.91 3.77
N LYS A 119 4.66 -38.13 3.97
CA LYS A 119 5.55 -39.29 4.01
C LYS A 119 6.17 -39.56 2.65
N ALA A 120 5.46 -39.23 1.57
CA ALA A 120 5.97 -39.49 0.23
C ALA A 120 7.24 -38.68 -0.04
N SER A 121 7.17 -37.35 0.12
CA SER A 121 8.34 -36.51 -0.14
C SER A 121 9.48 -36.86 0.81
N SER A 122 9.16 -37.16 2.07
CA SER A 122 10.19 -37.58 3.02
C SER A 122 10.86 -38.86 2.54
N ASP A 123 10.08 -39.88 2.22
CA ASP A 123 10.64 -41.13 1.70
C ASP A 123 11.42 -40.90 0.41
N TRP A 124 11.01 -39.92 -0.39
CA TRP A 124 11.72 -39.64 -1.64
C TRP A 124 13.13 -39.13 -1.37
N VAL A 125 13.30 -38.28 -0.36
CA VAL A 125 14.63 -37.76 -0.03
C VAL A 125 15.53 -38.88 0.48
N MET A 126 15.01 -39.72 1.37
CA MET A 126 15.81 -40.81 1.90
C MET A 126 16.24 -41.76 0.78
N ASP A 127 15.36 -42.01 -0.18
CA ASP A 127 15.71 -42.88 -1.31
C ASP A 127 16.78 -42.23 -2.18
N SER A 128 16.69 -40.91 -2.40
CA SER A 128 17.68 -40.22 -3.23
C SER A 128 19.04 -40.15 -2.55
N MET A 129 19.10 -40.23 -1.23
CA MET A 129 20.36 -40.15 -0.50
C MET A 129 21.09 -41.49 -0.57
N GLY A 154 24.86 -37.54 7.93
CA GLY A 154 23.78 -36.62 8.21
C GLY A 154 24.21 -35.41 9.03
N ALA A 155 25.53 -35.22 9.14
CA ALA A 155 26.05 -34.11 9.92
C ALA A 155 25.74 -32.75 9.30
N LEU A 156 25.42 -32.71 8.00
CA LEU A 156 25.08 -31.44 7.37
C LEU A 156 23.86 -30.81 8.02
N GLN A 157 22.88 -31.62 8.43
CA GLN A 157 21.72 -31.08 9.11
C GLN A 157 22.08 -30.56 10.50
N LYS A 158 23.01 -31.24 11.19
CA LYS A 158 23.50 -30.73 12.46
C LYS A 158 24.21 -29.40 12.28
N GLU A 159 24.99 -29.26 11.21
CA GLU A 159 25.71 -28.01 10.97
C GLU A 159 24.77 -26.87 10.63
N LEU A 160 23.79 -27.13 9.76
CA LEU A 160 22.85 -26.08 9.36
C LEU A 160 22.23 -25.40 10.58
N ILE A 161 21.79 -26.19 11.56
CA ILE A 161 21.14 -25.62 12.73
C ILE A 161 22.15 -24.92 13.61
N ARG A 162 23.39 -25.40 13.67
CA ARG A 162 24.39 -24.80 14.54
C ARG A 162 24.72 -23.38 14.10
N PHE A 163 25.12 -23.20 12.84
CA PHE A 163 25.60 -21.90 12.41
C PHE A 163 24.46 -20.90 12.21
N LEU A 164 23.21 -21.36 12.12
CA LEU A 164 22.08 -20.44 12.06
C LEU A 164 21.64 -19.99 13.45
N ASN A 165 22.07 -20.69 14.50
CA ASN A 165 21.90 -20.20 15.86
C ASN A 165 22.83 -19.02 16.09
N ALA A 166 22.60 -17.92 15.36
CA ALA A 166 23.43 -16.73 15.43
C ALA A 166 22.68 -15.53 16.01
N GLY A 167 21.50 -15.75 16.59
CA GLY A 167 20.78 -14.68 17.24
C GLY A 167 21.35 -14.35 18.61
N ILE A 168 20.90 -13.23 19.16
CA ILE A 168 21.39 -12.73 20.43
C ILE A 168 20.18 -12.49 21.34
N PHE A 169 20.16 -13.13 22.51
CA PHE A 169 19.11 -12.95 23.49
C PHE A 169 19.51 -11.98 24.60
N GLY A 170 20.75 -12.03 25.07
CA GLY A 170 21.15 -11.24 26.21
C GLY A 170 20.34 -11.62 27.44
N ASN A 171 20.17 -10.64 28.32
CA ASN A 171 19.35 -10.81 29.51
C ASN A 171 18.02 -10.11 29.33
N GLY A 172 16.99 -10.63 29.99
CA GLY A 172 15.67 -10.07 29.87
C GLY A 172 14.95 -10.53 28.62
N SER A 173 13.88 -9.81 28.28
CA SER A 173 13.04 -10.16 27.15
C SER A 173 13.02 -9.11 26.06
N ASP A 174 13.85 -8.06 26.17
CA ASP A 174 13.86 -6.99 25.17
C ASP A 174 14.39 -7.46 23.82
N ASN A 175 15.15 -8.56 23.78
CA ASN A 175 15.72 -9.08 22.54
C ASN A 175 15.16 -10.45 22.19
N THR A 176 14.10 -10.89 22.86
CA THR A 176 13.47 -12.18 22.60
C THR A 176 12.17 -11.97 21.85
N LEU A 177 11.89 -12.84 20.90
CA LEU A 177 10.62 -12.78 20.18
C LEU A 177 9.48 -13.03 21.17
N PRO A 178 8.41 -12.25 21.12
CA PRO A 178 7.26 -12.53 21.99
C PRO A 178 6.79 -13.97 21.81
N HIS A 179 6.50 -14.63 22.93
CA HIS A 179 6.17 -16.05 22.88
C HIS A 179 4.91 -16.31 22.06
N SER A 180 3.96 -15.37 22.06
CA SER A 180 2.79 -15.51 21.20
C SER A 180 3.19 -15.46 19.72
N ALA A 181 4.19 -14.62 19.40
CA ALA A 181 4.69 -14.58 18.04
C ALA A 181 5.42 -15.86 17.67
N THR A 182 6.12 -16.47 18.64
CA THR A 182 6.73 -17.77 18.38
C THR A 182 5.67 -18.83 18.10
N ARG A 183 4.56 -18.80 18.83
CA ARG A 183 3.49 -19.76 18.60
C ARG A 183 2.87 -19.55 17.22
N ALA A 184 2.68 -18.31 16.80
CA ALA A 184 2.20 -18.04 15.46
C ALA A 184 3.15 -18.64 14.43
N ALA A 185 4.45 -18.42 14.59
CA ALA A 185 5.43 -18.99 13.66
C ALA A 185 5.35 -20.51 13.64
N MET A 186 5.16 -21.12 14.81
CA MET A 186 5.10 -22.58 14.87
C MET A 186 3.88 -23.11 14.12
N LEU A 187 2.72 -22.48 14.31
CA LEU A 187 1.52 -22.92 13.61
C LEU A 187 1.70 -22.80 12.10
N VAL A 188 2.14 -21.63 11.63
CA VAL A 188 2.35 -21.43 10.20
C VAL A 188 3.40 -22.39 9.68
N ARG A 189 4.46 -22.62 10.47
CA ARG A 189 5.54 -23.50 10.02
C ARG A 189 5.01 -24.90 9.74
N ILE A 190 4.02 -25.36 10.52
CA ILE A 190 3.42 -26.67 10.28
C ILE A 190 2.56 -26.64 9.02
N ASN A 191 1.64 -25.68 8.94
CA ASN A 191 0.69 -25.64 7.84
C ASN A 191 1.40 -25.54 6.50
N THR A 192 2.55 -24.87 6.45
CA THR A 192 3.29 -24.75 5.20
C THR A 192 4.12 -25.99 4.88
N LEU A 193 4.15 -26.97 5.78
CA LEU A 193 4.83 -28.23 5.54
C LEU A 193 3.86 -29.40 5.35
N LEU A 194 2.55 -29.18 5.49
CA LEU A 194 1.59 -30.25 5.33
C LEU A 194 1.23 -30.51 3.86
N GLN A 195 1.49 -29.55 2.97
CA GLN A 195 1.18 -29.76 1.57
C GLN A 195 1.91 -30.98 1.00
N GLY A 196 3.05 -31.34 1.58
CA GLY A 196 3.75 -32.55 1.21
C GLY A 196 4.89 -32.37 0.23
N TYR A 197 5.31 -31.14 -0.06
CA TYR A 197 6.38 -30.87 -1.00
C TYR A 197 7.69 -30.51 -0.32
N SER A 198 7.83 -30.80 0.97
CA SER A 198 8.96 -30.32 1.76
C SER A 198 9.88 -31.44 2.26
N GLY A 199 9.48 -32.70 2.13
CA GLY A 199 10.36 -33.80 2.47
C GLY A 199 10.77 -33.83 3.93
N ILE A 200 9.81 -33.68 4.84
CA ILE A 200 10.06 -33.72 6.27
C ILE A 200 9.10 -34.71 6.91
N ARG A 201 9.60 -35.46 7.90
CA ARG A 201 8.80 -36.51 8.53
C ARG A 201 7.58 -35.92 9.23
N PHE A 202 6.43 -36.56 8.99
CA PHE A 202 5.20 -36.15 9.66
C PHE A 202 5.37 -36.13 11.18
N GLU A 203 6.23 -37.01 11.71
CA GLU A 203 6.45 -37.05 13.15
C GLU A 203 6.91 -35.70 13.69
N ILE A 204 7.77 -35.01 12.94
CA ILE A 204 8.25 -33.70 13.39
C ILE A 204 7.10 -32.71 13.42
N LEU A 205 6.24 -32.72 12.40
CA LEU A 205 5.07 -31.86 12.41
C LEU A 205 4.17 -32.16 13.61
N GLU A 206 4.07 -33.44 13.98
CA GLU A 206 3.29 -33.82 15.15
C GLU A 206 3.93 -33.33 16.43
N ALA A 207 5.27 -33.32 16.49
CA ALA A 207 5.96 -32.89 17.70
C ALA A 207 5.74 -31.40 17.95
N ILE A 208 5.83 -30.57 16.90
CA ILE A 208 5.59 -29.14 17.06
C ILE A 208 4.16 -28.90 17.51
N THR A 209 3.22 -29.76 17.08
CA THR A 209 1.84 -29.61 17.49
C THR A 209 1.69 -29.84 19.00
N LYS A 210 2.39 -30.84 19.54
CA LYS A 210 2.38 -31.04 20.99
C LYS A 210 2.87 -29.80 21.72
N PHE A 211 3.95 -29.19 21.23
CA PHE A 211 4.46 -27.98 21.86
C PHE A 211 3.39 -26.89 21.91
N LEU A 212 2.65 -26.71 20.82
CA LEU A 212 1.58 -25.73 20.82
C LEU A 212 0.48 -26.09 21.81
N ASN A 213 0.02 -27.35 21.77
CA ASN A 213 -1.12 -27.74 22.59
C ASN A 213 -0.81 -27.70 24.08
N GLN A 214 0.43 -28.03 24.46
CA GLN A 214 0.84 -27.98 25.86
C GLN A 214 1.47 -26.64 26.24
N ASN A 215 1.44 -25.66 25.34
CA ASN A 215 2.00 -24.34 25.59
C ASN A 215 3.44 -24.43 26.09
N ILE A 216 4.27 -25.08 25.29
CA ILE A 216 5.72 -25.14 25.50
C ILE A 216 6.34 -24.41 24.31
N THR A 217 6.91 -23.23 24.56
CA THR A 217 7.36 -22.35 23.49
C THR A 217 8.88 -22.23 23.51
N PRO A 218 9.57 -22.58 22.43
CA PRO A 218 11.02 -22.32 22.40
C PRO A 218 11.31 -20.83 22.38
N CYS A 219 12.48 -20.47 22.87
CA CYS A 219 12.90 -19.07 22.91
C CYS A 219 13.58 -18.71 21.59
N LEU A 220 12.98 -17.77 20.87
CA LEU A 220 13.51 -17.28 19.60
C LEU A 220 14.04 -15.86 19.75
N PRO A 221 15.08 -15.48 19.01
CA PRO A 221 15.57 -14.10 19.06
C PRO A 221 14.63 -13.15 18.33
N LEU A 222 14.54 -11.94 18.86
CA LEU A 222 13.68 -10.93 18.23
C LEU A 222 14.21 -10.53 16.86
N ARG A 223 15.52 -10.36 16.73
CA ARG A 223 16.14 -9.91 15.50
C ARG A 223 17.12 -10.96 14.99
N GLY A 224 17.56 -10.79 13.74
CA GLY A 224 18.49 -11.70 13.13
C GLY A 224 17.99 -12.27 11.82
N THR A 225 16.87 -11.75 11.31
CA THR A 225 16.23 -12.24 10.10
C THR A 225 15.84 -11.09 9.15
N ILE A 226 16.00 -11.29 7.82
CA ILE A 226 15.60 -10.33 6.78
C ILE A 226 14.39 -10.85 5.97
N THR A 227 13.69 -11.86 6.50
CA THR A 227 12.55 -12.61 5.92
C THR A 227 12.90 -13.06 4.49
N ASP A 229 13.38 -16.39 7.63
CA ASP A 229 13.71 -16.44 9.01
C ASP A 229 14.65 -17.62 9.37
N LEU A 230 15.87 -17.68 8.77
CA LEU A 230 16.83 -18.77 8.98
C LEU A 230 17.19 -18.86 10.43
N VAL A 231 17.51 -17.72 11.03
CA VAL A 231 18.03 -17.66 12.39
C VAL A 231 16.92 -17.99 13.38
N PRO A 232 15.81 -17.26 13.40
CA PRO A 232 14.77 -17.57 14.41
C PRO A 232 14.19 -18.97 14.24
N LEU A 233 13.89 -19.38 13.00
CA LEU A 233 13.33 -20.71 12.80
C LEU A 233 14.31 -21.80 13.24
N SER A 234 15.62 -21.53 13.16
CA SER A 234 16.60 -22.53 13.58
C SER A 234 16.55 -22.78 15.08
N TYR A 235 15.97 -21.85 15.86
CA TYR A 235 15.78 -22.09 17.27
C TYR A 235 14.55 -22.94 17.56
N ILE A 236 13.65 -23.11 16.58
CA ILE A 236 12.64 -24.17 16.69
C ILE A 236 13.27 -25.51 16.36
N ALA A 237 14.12 -25.57 15.34
CA ALA A 237 14.85 -26.78 15.04
C ALA A 237 15.82 -27.14 16.16
N GLY A 238 16.41 -26.14 16.81
CA GLY A 238 17.33 -26.41 17.90
C GLY A 238 16.65 -27.10 19.07
N LEU A 239 15.41 -26.73 19.35
CA LEU A 239 14.64 -27.43 20.38
C LEU A 239 14.31 -28.86 19.94
N LEU A 240 13.98 -29.06 18.66
CA LEU A 240 13.60 -30.38 18.18
C LEU A 240 14.78 -31.34 18.18
N THR A 241 16.00 -30.82 18.02
CA THR A 241 17.19 -31.66 17.98
C THR A 241 17.95 -31.67 19.29
N GLY A 242 17.46 -30.98 20.32
CA GLY A 242 18.10 -31.02 21.62
C GLY A 242 19.42 -30.30 21.69
N ARG A 243 19.54 -29.16 21.02
CA ARG A 243 20.77 -28.39 21.08
C ARG A 243 21.07 -27.97 22.52
N PRO A 244 22.34 -27.89 22.90
CA PRO A 244 22.66 -27.54 24.29
C PRO A 244 22.25 -26.12 24.67
N ASN A 245 22.25 -25.19 23.73
CA ASN A 245 21.86 -23.81 24.02
C ASN A 245 20.36 -23.56 23.90
N SER A 246 19.62 -24.52 23.35
CA SER A 246 18.19 -24.34 23.16
C SER A 246 17.50 -24.20 24.51
N LYS A 247 16.59 -23.22 24.61
CA LYS A 247 15.79 -23.01 25.79
C LYS A 247 14.34 -22.84 25.39
N ALA A 248 13.43 -23.21 26.28
CA ALA A 248 12.01 -23.08 26.05
C ALA A 248 11.36 -22.53 27.30
N VAL A 249 10.20 -21.91 27.13
CA VAL A 249 9.45 -21.31 28.23
C VAL A 249 8.20 -22.14 28.48
N GLY A 250 7.85 -22.30 29.75
CA GLY A 250 6.67 -23.05 30.12
C GLY A 250 5.43 -22.17 30.11
N PRO A 251 4.27 -22.78 30.38
CA PRO A 251 3.03 -21.99 30.41
C PRO A 251 3.04 -20.85 31.42
N THR A 252 3.90 -20.93 32.44
CA THR A 252 3.96 -19.93 33.49
C THR A 252 5.26 -19.14 33.46
N GLY A 253 6.01 -19.21 32.36
CA GLY A 253 7.24 -18.45 32.22
C GLY A 253 8.49 -19.16 32.70
N VAL A 254 8.42 -20.45 32.99
CA VAL A 254 9.57 -21.17 33.52
C VAL A 254 10.51 -21.51 32.37
N ILE A 255 11.80 -21.26 32.56
CA ILE A 255 12.80 -21.64 31.57
C ILE A 255 12.97 -23.16 31.59
N LEU A 256 12.94 -23.77 30.41
CA LEU A 256 13.03 -25.21 30.27
C LEU A 256 14.18 -25.57 29.33
N SER A 257 14.89 -26.64 29.66
CA SER A 257 15.87 -27.21 28.76
C SER A 257 15.16 -28.06 27.70
N PRO A 258 15.85 -28.44 26.63
CA PRO A 258 15.20 -29.28 25.61
C PRO A 258 14.62 -30.56 26.17
N GLU A 259 15.35 -31.24 27.05
CA GLU A 259 14.83 -32.46 27.66
C GLU A 259 13.55 -32.17 28.43
N GLU A 260 13.57 -31.16 29.30
CA GLU A 260 12.39 -30.82 30.08
C GLU A 260 11.23 -30.44 29.17
N ALA A 261 11.50 -29.70 28.10
CA ALA A 261 10.44 -29.30 27.17
C ALA A 261 9.77 -30.52 26.56
N PHE A 262 10.56 -31.51 26.13
CA PHE A 262 9.99 -32.73 25.57
C PHE A 262 9.14 -33.46 26.60
N LYS A 263 9.60 -33.55 27.84
CA LYS A 263 8.88 -34.30 28.86
C LYS A 263 7.53 -33.67 29.17
N LEU A 264 7.47 -32.33 29.26
CA LEU A 264 6.22 -31.67 29.63
C LEU A 264 5.24 -31.59 28.46
N ALA A 265 5.74 -31.59 27.23
CA ALA A 265 4.86 -31.52 26.06
C ALA A 265 4.33 -32.88 25.64
N GLY A 266 4.94 -33.97 26.10
CA GLY A 266 4.50 -35.30 25.73
C GLY A 266 5.03 -35.77 24.39
N VAL A 267 6.11 -35.17 23.90
CA VAL A 267 6.70 -35.59 22.63
C VAL A 267 7.23 -37.01 22.80
N GLU A 268 6.61 -37.96 22.11
CA GLU A 268 7.07 -39.34 22.17
C GLU A 268 8.47 -39.46 21.58
N GLY A 269 9.29 -40.29 22.21
CA GLY A 269 10.65 -40.48 21.77
C GLY A 269 11.56 -39.34 22.19
N GLY A 270 12.81 -39.45 21.77
CA GLY A 270 13.83 -38.47 22.11
C GLY A 270 13.95 -37.38 21.06
N PHE A 271 15.13 -36.78 21.00
CA PHE A 271 15.39 -35.71 20.06
C PHE A 271 15.47 -36.25 18.64
N PHE A 272 15.07 -35.42 17.68
CA PHE A 272 15.07 -35.82 16.27
C PHE A 272 16.48 -35.71 15.70
N GLU A 273 16.86 -36.72 14.91
CA GLU A 273 18.09 -36.71 14.13
C GLU A 273 17.71 -36.30 12.71
N LEU A 274 17.90 -35.02 12.38
CA LEU A 274 17.37 -34.48 11.15
C LEU A 274 17.94 -35.19 9.93
N GLN A 275 17.04 -35.69 9.09
CA GLN A 275 17.40 -36.30 7.82
C GLN A 275 17.68 -35.21 6.79
N PRO A 276 18.23 -35.56 5.64
CA PRO A 276 18.51 -34.52 4.63
C PRO A 276 17.24 -33.78 4.25
N LYS A 277 17.39 -32.47 4.00
CA LYS A 277 16.31 -31.57 3.63
C LYS A 277 15.38 -31.26 4.80
N GLU A 278 15.46 -32.02 5.89
CA GLU A 278 14.61 -31.73 7.04
C GLU A 278 15.06 -30.46 7.74
N GLY A 279 16.37 -30.24 7.83
CA GLY A 279 16.85 -28.98 8.37
C GLY A 279 16.36 -27.79 7.58
N LEU A 280 16.50 -27.85 6.25
CA LEU A 280 16.00 -26.77 5.40
C LEU A 280 14.49 -26.60 5.54
N ALA A 281 13.76 -27.72 5.55
CA ALA A 281 12.30 -27.63 5.67
C ALA A 281 11.90 -26.83 6.88
N LEU A 282 12.70 -26.87 7.95
CA LEU A 282 12.35 -26.17 9.18
C LEU A 282 12.79 -24.71 9.15
N VAL A 283 13.98 -24.43 8.63
CA VAL A 283 14.51 -23.07 8.69
C VAL A 283 14.18 -22.26 7.42
N ASN A 284 14.00 -22.93 6.28
CA ASN A 284 13.65 -22.25 5.04
C ASN A 284 12.15 -21.96 5.05
N GLY A 285 11.79 -20.69 5.16
CA GLY A 285 10.38 -20.33 5.18
C GLY A 285 10.17 -18.98 5.82
N THR A 286 8.98 -18.44 5.60
CA THR A 286 8.61 -17.10 6.04
C THR A 286 7.65 -17.13 7.22
N ALA A 287 7.66 -18.21 8.02
CA ALA A 287 6.60 -18.43 9.01
C ALA A 287 6.61 -17.36 10.10
N VAL A 288 7.79 -16.90 10.51
CA VAL A 288 7.85 -15.94 11.61
C VAL A 288 7.25 -14.60 11.19
N GLY A 289 7.64 -14.11 10.01
CA GLY A 289 7.05 -12.88 9.52
C GLY A 289 5.56 -13.01 9.25
N SER A 290 5.17 -14.04 8.51
CA SER A 290 3.76 -14.24 8.20
C SER A 290 2.94 -14.53 9.45
N GLY A 291 3.54 -15.19 10.44
CA GLY A 291 2.82 -15.49 11.66
C GLY A 291 2.44 -14.26 12.44
N MET A 292 3.39 -13.33 12.60
CA MET A 292 3.09 -12.09 13.30
C MET A 292 2.24 -11.16 12.45
N ALA A 293 2.41 -11.19 11.13
CA ALA A 293 1.53 -10.43 10.26
C ALA A 293 0.08 -10.87 10.41
N SER A 294 -0.14 -12.15 10.68
CA SER A 294 -1.50 -12.64 10.89
C SER A 294 -2.07 -12.11 12.19
N MET A 295 -1.29 -12.17 13.28
CA MET A 295 -1.72 -11.58 14.54
C MET A 295 -2.01 -10.10 14.37
N VAL A 296 -1.15 -9.39 13.63
CA VAL A 296 -1.31 -7.96 13.46
C VAL A 296 -2.60 -7.65 12.70
N LEU A 297 -2.85 -8.38 11.62
CA LEU A 297 -3.99 -8.08 10.76
C LEU A 297 -5.31 -8.51 11.39
N PHE A 298 -5.29 -9.48 12.30
CA PHE A 298 -6.49 -9.79 13.06
C PHE A 298 -6.92 -8.60 13.90
N GLU A 299 -5.98 -8.01 14.64
CA GLU A 299 -6.29 -6.83 15.43
C GLU A 299 -6.59 -5.63 14.55
N ALA A 300 -5.95 -5.53 13.39
CA ALA A 300 -6.17 -4.40 12.50
C ALA A 300 -7.57 -4.42 11.91
N ASN A 301 -8.09 -5.61 11.61
CA ASN A 301 -9.44 -5.70 11.05
C ASN A 301 -10.49 -5.30 12.08
N ILE A 302 -10.27 -5.65 13.35
CA ILE A 302 -11.19 -5.24 14.41
C ILE A 302 -11.11 -3.73 14.61
N LEU A 303 -9.89 -3.20 14.75
CA LEU A 303 -9.73 -1.77 15.04
C LEU A 303 -10.28 -0.91 13.91
N ALA A 304 -10.25 -1.40 12.67
CA ALA A 304 -10.83 -0.66 11.56
C ALA A 304 -12.35 -0.54 11.73
N VAL A 305 -13.02 -1.66 12.01
CA VAL A 305 -14.45 -1.61 12.28
C VAL A 305 -14.72 -0.73 13.49
N LEU A 306 -13.89 -0.86 14.53
CA LEU A 306 -14.03 0.00 15.71
C LEU A 306 -13.88 1.47 15.34
N ALA A 307 -13.04 1.77 14.33
CA ALA A 307 -12.91 3.16 13.87
C ALA A 307 -14.17 3.61 13.12
N GLU A 308 -14.76 2.72 12.34
CA GLU A 308 -15.99 3.05 11.63
C GLU A 308 -17.12 3.38 12.61
N VAL A 309 -17.28 2.56 13.65
CA VAL A 309 -18.36 2.77 14.60
C VAL A 309 -18.10 4.01 15.45
N MET A 310 -16.85 4.21 15.89
CA MET A 310 -16.56 5.35 16.75
C MET A 310 -16.71 6.67 16.01
N SER A 311 -16.47 6.69 14.69
CA SER A 311 -16.75 7.89 13.91
C SER A 311 -18.23 8.24 13.96
N ALA A 312 -19.09 7.22 13.97
CA ALA A 312 -20.54 7.46 14.07
C ALA A 312 -20.91 7.93 15.47
N ILE A 313 -20.44 7.23 16.50
CA ILE A 313 -20.66 7.69 17.87
C ILE A 313 -20.13 9.11 18.02
N PHE A 314 -18.99 9.39 17.41
CA PHE A 314 -18.43 10.74 17.41
C PHE A 314 -19.43 11.74 16.81
N ALA A 315 -20.05 11.38 15.69
CA ALA A 315 -21.03 12.28 15.08
C ALA A 315 -22.24 12.48 15.97
N GLU A 316 -22.61 11.47 16.76
CA GLU A 316 -23.76 11.59 17.65
C GLU A 316 -23.53 12.66 18.71
N VAL A 317 -22.47 12.50 19.51
CA VAL A 317 -22.20 13.44 20.59
C VAL A 317 -21.83 14.81 20.03
N MET A 318 -21.24 14.85 18.84
CA MET A 318 -20.97 16.13 18.18
C MET A 318 -22.22 16.76 17.60
N GLN A 319 -23.33 16.03 17.53
CA GLN A 319 -24.56 16.54 16.93
C GLN A 319 -24.29 17.02 15.51
N GLY A 320 -23.52 16.22 14.76
CA GLY A 320 -23.20 16.57 13.40
C GLY A 320 -24.30 16.19 12.43
N LYS A 321 -24.30 16.87 11.29
CA LYS A 321 -25.31 16.64 10.26
C LYS A 321 -25.14 15.22 9.71
N PRO A 322 -26.14 14.35 9.84
CA PRO A 322 -25.96 12.95 9.43
C PRO A 322 -25.96 12.73 7.92
N GLU A 323 -26.27 13.75 7.11
CA GLU A 323 -26.28 13.56 5.67
C GLU A 323 -24.90 13.29 5.08
N PHE A 324 -23.83 13.35 5.87
CA PHE A 324 -22.51 12.98 5.36
C PHE A 324 -22.41 11.48 5.12
N THR A 325 -23.36 10.70 5.61
CA THR A 325 -23.41 9.26 5.36
C THR A 325 -24.35 8.90 4.21
N ASP A 326 -25.08 9.88 3.67
CA ASP A 326 -26.03 9.62 2.58
C ASP A 326 -25.38 8.80 1.48
N HIS A 327 -26.05 7.72 1.08
CA HIS A 327 -25.42 6.78 0.16
C HIS A 327 -25.16 7.39 -1.21
N LEU A 328 -25.94 8.39 -1.62
CA LEU A 328 -25.69 9.03 -2.91
C LEU A 328 -24.25 9.53 -2.99
N THR A 329 -23.82 10.29 -1.97
CA THR A 329 -22.47 10.84 -1.97
C THR A 329 -21.43 9.75 -2.24
N HIS A 330 -21.53 8.64 -1.51
CA HIS A 330 -20.50 7.62 -1.58
C HIS A 330 -20.70 6.69 -2.78
N LYS A 331 -21.95 6.38 -3.10
CA LYS A 331 -22.23 5.61 -4.30
C LYS A 331 -21.58 6.24 -5.53
N LEU A 332 -21.56 7.57 -5.59
CA LEU A 332 -21.00 8.28 -6.73
C LEU A 332 -19.47 8.28 -6.74
N LYS A 333 -18.82 7.73 -5.72
CA LYS A 333 -17.38 7.52 -5.78
C LYS A 333 -17.00 6.08 -6.09
N HIS A 334 -17.92 5.13 -5.89
CA HIS A 334 -17.73 3.74 -6.28
C HIS A 334 -16.74 3.01 -5.37
N HIS A 335 -16.02 3.75 -4.54
CA HIS A 335 -15.04 3.12 -3.65
C HIS A 335 -15.77 2.22 -2.66
N PRO A 336 -15.65 0.89 -2.77
CA PRO A 336 -16.45 0.02 -1.88
C PRO A 336 -16.15 0.23 -0.41
N GLY A 337 -14.88 0.44 -0.04
CA GLY A 337 -14.55 0.66 1.35
C GLY A 337 -15.20 1.92 1.90
N GLN A 338 -15.27 2.96 1.08
CA GLN A 338 -15.96 4.18 1.48
C GLN A 338 -17.45 3.95 1.62
N ILE A 339 -18.04 3.19 0.69
CA ILE A 339 -19.47 2.95 0.71
C ILE A 339 -19.87 2.15 1.94
N GLU A 340 -19.10 1.10 2.26
CA GLU A 340 -19.38 0.33 3.47
C GLU A 340 -19.23 1.19 4.72
N ALA A 341 -18.12 1.93 4.81
CA ALA A 341 -17.89 2.76 5.99
C ALA A 341 -19.02 3.74 6.20
N ALA A 342 -19.49 4.38 5.13
CA ALA A 342 -20.61 5.31 5.27
C ALA A 342 -21.90 4.59 5.62
N ALA A 343 -22.10 3.39 5.05
CA ALA A 343 -23.31 2.63 5.36
C ALA A 343 -23.31 2.15 6.81
N ILE A 344 -22.14 1.80 7.34
CA ILE A 344 -22.04 1.40 8.74
C ILE A 344 -22.39 2.58 9.64
N MET A 345 -21.81 3.75 9.36
CA MET A 345 -22.11 4.93 10.16
C MET A 345 -23.57 5.34 10.01
N GLU A 346 -24.11 5.30 8.78
CA GLU A 346 -25.52 5.60 8.57
C GLU A 346 -26.39 4.72 9.46
N HIS A 347 -26.04 3.44 9.58
CA HIS A 347 -26.83 2.51 10.38
C HIS A 347 -26.80 2.90 11.86
N ILE A 348 -25.64 3.33 12.35
CA ILE A 348 -25.55 3.77 13.74
C ILE A 348 -26.40 5.02 13.95
N LEU A 349 -26.29 5.99 13.03
CA LEU A 349 -27.01 7.25 13.19
C LEU A 349 -28.50 7.08 12.92
N ASP A 350 -28.87 6.17 12.02
CA ASP A 350 -30.28 5.95 11.71
C ASP A 350 -31.06 5.42 12.91
N GLY A 351 -30.37 4.85 13.90
CA GLY A 351 -31.02 4.38 15.10
C GLY A 351 -30.56 5.14 16.33
N SER A 352 -30.33 6.44 16.17
CA SER A 352 -29.84 7.30 17.24
C SER A 352 -30.98 8.15 17.78
N ALA A 353 -31.05 8.25 19.11
CA ALA A 353 -32.04 9.12 19.76
C ALA A 353 -31.59 10.56 19.84
N TYR A 354 -30.39 10.88 19.35
CA TYR A 354 -29.89 12.25 19.37
C TYR A 354 -30.34 13.02 18.14
CA LYS A 371 -22.22 26.39 9.35
C LYS A 371 -22.15 25.02 8.71
N GLN A 372 -21.03 24.32 8.89
CA GLN A 372 -20.85 22.99 8.33
C GLN A 372 -19.95 22.18 9.25
N ASP A 373 -19.99 20.86 9.10
CA ASP A 373 -19.16 19.98 9.89
C ASP A 373 -17.75 19.88 9.30
N ARG A 374 -16.78 19.72 10.18
CA ARG A 374 -15.38 19.69 9.78
C ARG A 374 -15.01 18.31 9.23
N TYR A 375 -13.77 18.18 8.76
CA TYR A 375 -13.40 17.04 7.92
C TYR A 375 -13.30 15.76 8.72
N ALA A 376 -12.75 15.82 9.95
CA ALA A 376 -12.65 14.61 10.76
C ALA A 376 -14.00 13.93 10.93
N LEU A 377 -15.10 14.67 10.78
CA LEU A 377 -16.45 14.14 10.83
C LEU A 377 -17.03 13.92 9.44
N ARG A 378 -17.03 14.95 8.60
CA ARG A 378 -17.80 14.91 7.36
C ARG A 378 -17.13 14.02 6.31
N THR A 379 -15.81 13.88 6.36
CA THR A 379 -15.08 13.09 5.36
C THR A 379 -14.55 11.78 5.93
N SER A 380 -14.98 11.38 7.12
CA SER A 380 -14.46 10.16 7.72
C SER A 380 -14.72 8.92 6.87
N PRO A 381 -15.85 8.79 6.15
CA PRO A 381 -15.98 7.63 5.26
C PRO A 381 -14.99 7.67 4.11
N GLN A 382 -14.78 8.84 3.50
CA GLN A 382 -13.77 8.96 2.45
C GLN A 382 -12.39 8.64 3.01
N TRP A 383 -12.14 8.97 4.26
CA TRP A 383 -10.81 8.81 4.83
C TRP A 383 -10.52 7.35 5.18
N LEU A 384 -11.52 6.64 5.69
CA LEU A 384 -11.32 5.27 6.16
C LEU A 384 -11.46 4.24 5.06
N GLY A 385 -12.26 4.52 4.04
CA GLY A 385 -12.52 3.57 2.97
C GLY A 385 -11.26 2.93 2.43
N PRO A 386 -10.33 3.75 1.93
CA PRO A 386 -9.07 3.17 1.40
C PRO A 386 -8.28 2.42 2.46
N GLN A 387 -8.27 2.92 3.70
CA GLN A 387 -7.54 2.21 4.76
C GLN A 387 -8.11 0.82 4.96
N ILE A 388 -9.44 0.68 4.92
CA ILE A 388 -10.07 -0.63 5.05
C ILE A 388 -9.76 -1.48 3.82
N GLU A 389 -9.85 -0.90 2.62
CA GLU A 389 -9.51 -1.64 1.42
C GLU A 389 -8.07 -2.14 1.46
N VAL A 390 -7.18 -1.42 2.16
CA VAL A 390 -5.78 -1.83 2.26
C VAL A 390 -5.63 -2.97 3.27
N ILE A 391 -6.24 -2.83 4.44
CA ILE A 391 -6.14 -3.88 5.44
C ILE A 391 -6.77 -5.17 4.92
N ARG A 392 -7.89 -5.07 4.22
CA ARG A 392 -8.55 -6.25 3.69
C ARG A 392 -7.70 -6.92 2.61
N SER A 393 -7.18 -6.13 1.67
CA SER A 393 -6.33 -6.67 0.62
C SER A 393 -5.04 -7.26 1.22
N SER A 394 -4.46 -6.58 2.20
CA SER A 394 -3.28 -7.11 2.88
C SER A 394 -3.60 -8.42 3.59
N THR A 395 -4.80 -8.53 4.15
CA THR A 395 -5.20 -9.77 4.82
C THR A 395 -5.13 -10.95 3.87
N LYS A 396 -5.59 -10.77 2.63
CA LYS A 396 -5.60 -11.89 1.69
C LYS A 396 -4.17 -12.24 1.24
N MET A 397 -3.27 -11.27 1.21
CA MET A 397 -1.87 -11.58 0.89
C MET A 397 -1.27 -12.52 1.93
N ILE A 398 -1.44 -12.18 3.21
CA ILE A 398 -0.87 -13.00 4.27
C ILE A 398 -1.52 -14.37 4.32
N GLU A 399 -2.85 -14.41 4.22
CA GLU A 399 -3.54 -15.71 4.29
C GLU A 399 -3.04 -16.65 3.21
N ARG A 400 -2.75 -16.13 2.02
CA ARG A 400 -2.11 -16.95 0.99
C ARG A 400 -0.70 -17.36 1.39
N GLU A 401 0.02 -16.49 2.11
CA GLU A 401 1.39 -16.80 2.50
C GLU A 401 1.43 -17.91 3.54
N ILE A 402 0.52 -17.87 4.53
CA ILE A 402 0.51 -18.87 5.57
C ILE A 402 -0.02 -20.22 5.09
N ASN A 403 -0.59 -20.27 3.87
CA ASN A 403 -0.99 -21.52 3.24
C ASN A 403 -0.12 -21.86 2.05
N SER A 404 1.12 -21.36 2.04
CA SER A 404 2.03 -21.56 0.93
C SER A 404 3.14 -22.53 1.34
N VAL A 405 3.86 -23.01 0.34
CA VAL A 405 5.07 -23.79 0.54
C VAL A 405 6.24 -22.84 0.31
N ASN A 406 6.86 -22.38 1.39
CA ASN A 406 7.88 -21.34 1.32
C ASN A 406 9.28 -21.88 1.61
N ASP A 407 9.48 -23.19 1.56
CA ASP A 407 10.81 -23.76 1.70
C ASP A 407 11.39 -24.09 0.33
N ASN A 408 12.62 -24.60 0.32
CA ASN A 408 13.34 -24.85 -0.92
C ASN A 408 14.40 -25.90 -0.64
N PRO A 409 14.64 -26.87 -1.55
CA PRO A 409 13.95 -27.09 -2.82
C PRO A 409 12.60 -27.78 -2.63
N LEU A 410 11.70 -27.70 -3.61
CA LEU A 410 10.42 -28.38 -3.53
C LEU A 410 10.57 -29.81 -4.04
N ILE A 411 10.14 -30.77 -3.23
CA ILE A 411 10.23 -32.19 -3.57
C ILE A 411 8.96 -32.54 -4.34
N ASP A 412 9.10 -32.67 -5.66
CA ASP A 412 7.98 -33.02 -6.54
C ASP A 412 8.03 -34.52 -6.79
N VAL A 413 7.34 -35.28 -5.93
CA VAL A 413 7.31 -36.74 -6.06
C VAL A 413 6.74 -37.13 -7.42
N SER A 414 5.70 -36.41 -7.87
CA SER A 414 5.06 -36.75 -9.13
C SER A 414 6.06 -36.75 -10.29
N ARG A 415 7.02 -35.84 -10.26
CA ARG A 415 8.00 -35.72 -11.33
C ARG A 415 9.36 -36.30 -10.98
N ASN A 416 9.55 -36.77 -9.75
CA ASN A 416 10.78 -37.44 -9.36
C ASN A 416 11.99 -36.51 -9.47
N LYS A 417 11.82 -35.27 -9.04
CA LYS A 417 12.93 -34.33 -9.03
C LYS A 417 12.64 -33.22 -8.04
N ALA A 418 13.71 -32.71 -7.42
CA ALA A 418 13.61 -31.58 -6.51
C ALA A 418 13.66 -30.28 -7.30
N ILE A 419 12.78 -29.35 -6.95
CA ILE A 419 12.63 -28.09 -7.67
C ILE A 419 13.25 -26.98 -6.83
N HIS A 420 14.24 -26.31 -7.40
CA HIS A 420 14.90 -25.18 -6.73
C HIS A 420 14.22 -23.88 -7.15
N GLY A 421 13.92 -23.05 -6.17
CA GLY A 421 13.22 -21.81 -6.43
C GLY A 421 13.48 -20.82 -5.31
N GLY A 422 12.56 -19.86 -5.19
CA GLY A 422 12.71 -18.81 -4.21
C GLY A 422 11.43 -18.44 -3.50
N ASN A 423 10.65 -19.44 -3.08
CA ASN A 423 9.44 -19.17 -2.32
C ASN A 423 9.71 -18.73 -0.90
N PHE A 424 10.97 -18.78 -0.44
CA PHE A 424 11.34 -18.23 0.84
C PHE A 424 11.42 -16.70 0.82
N GLN A 425 11.40 -16.08 -0.36
CA GLN A 425 11.43 -14.63 -0.47
C GLN A 425 10.09 -14.07 0.00
N GLY A 426 10.07 -13.51 1.22
CA GLY A 426 8.82 -13.11 1.83
C GLY A 426 8.34 -11.73 1.44
N THR A 427 8.48 -11.38 0.16
CA THR A 427 8.02 -10.08 -0.31
C THR A 427 6.57 -9.79 0.03
N PRO A 428 5.64 -10.75 -0.06
CA PRO A 428 4.25 -10.43 0.28
C PRO A 428 4.08 -9.96 1.72
N ILE A 429 4.97 -10.37 2.62
CA ILE A 429 4.87 -9.94 4.01
C ILE A 429 5.29 -8.49 4.16
N GLY A 430 6.47 -8.14 3.64
CA GLY A 430 6.96 -6.78 3.78
C GLY A 430 6.04 -5.76 3.13
N VAL A 431 5.61 -6.05 1.90
CA VAL A 431 4.72 -5.13 1.18
C VAL A 431 3.43 -4.92 1.97
N SER A 432 2.81 -6.02 2.42
CA SER A 432 1.52 -5.92 3.08
C SER A 432 1.63 -5.21 4.42
N MET A 433 2.72 -5.46 5.16
CA MET A 433 2.88 -4.82 6.46
C MET A 433 3.24 -3.35 6.32
N ASP A 434 4.08 -3.00 5.34
CA ASP A 434 4.35 -1.60 5.08
C ASP A 434 3.07 -0.86 4.70
N ASN A 435 2.26 -1.45 3.82
CA ASN A 435 1.01 -0.81 3.41
C ASN A 435 0.01 -0.75 4.56
N THR A 436 -0.03 -1.79 5.39
CA THR A 436 -0.95 -1.78 6.53
C THR A 436 -0.52 -0.77 7.57
N ARG A 437 0.79 -0.65 7.82
CA ARG A 437 1.27 0.30 8.82
C ARG A 437 0.86 1.72 8.45
N LEU A 438 0.98 2.09 7.17
CA LEU A 438 0.54 3.41 6.73
C LEU A 438 -0.95 3.59 6.96
N ALA A 439 -1.76 2.58 6.62
CA ALA A 439 -3.20 2.67 6.83
C ALA A 439 -3.54 2.79 8.31
N ILE A 440 -2.81 2.06 9.16
CA ILE A 440 -3.00 2.20 10.61
C ILE A 440 -2.70 3.62 11.06
N ALA A 441 -1.70 4.25 10.44
CA ALA A 441 -1.37 5.63 10.80
C ALA A 441 -2.43 6.61 10.28
N ALA A 442 -2.99 6.33 9.10
CA ALA A 442 -4.08 7.16 8.59
C ALA A 442 -5.30 7.06 9.49
N ILE A 443 -5.61 5.85 9.98
CA ILE A 443 -6.70 5.70 10.93
C ILE A 443 -6.41 6.49 12.20
N GLY A 444 -5.18 6.40 12.70
CA GLY A 444 -4.83 7.13 13.90
C GLY A 444 -4.91 8.65 13.73
N LYS A 445 -4.52 9.14 12.55
CA LYS A 445 -4.60 10.57 12.29
C LYS A 445 -6.04 11.06 12.34
N LEU A 446 -6.97 10.30 11.74
CA LEU A 446 -8.37 10.69 11.81
C LEU A 446 -8.89 10.66 13.25
N MET A 447 -8.50 9.63 14.00
CA MET A 447 -8.92 9.56 15.40
C MET A 447 -8.40 10.75 16.19
N PHE A 448 -7.12 11.09 16.00
CA PHE A 448 -6.58 12.28 16.67
C PHE A 448 -7.34 13.53 16.25
N ALA A 449 -7.64 13.66 14.96
CA ALA A 449 -8.41 14.81 14.50
C ALA A 449 -9.80 14.84 15.14
N GLN A 450 -10.46 13.69 15.22
CA GLN A 450 -11.78 13.63 15.83
C GLN A 450 -11.71 13.94 17.32
N PHE A 451 -10.77 13.32 18.04
CA PHE A 451 -10.61 13.60 19.46
C PHE A 451 -10.34 15.08 19.69
N SER A 452 -9.56 15.71 18.81
CA SER A 452 -9.25 17.12 18.96
C SER A 452 -10.51 17.98 18.85
N GLU A 453 -11.40 17.64 17.92
CA GLU A 453 -12.67 18.36 17.81
C GLU A 453 -13.51 18.16 19.06
N LEU A 454 -13.54 16.93 19.59
CA LEU A 454 -14.47 16.61 20.66
C LEU A 454 -14.17 17.40 21.92
N VAL A 455 -12.89 17.62 22.23
CA VAL A 455 -12.48 18.24 23.48
C VAL A 455 -12.32 19.75 23.35
N ASN A 456 -12.69 20.33 22.21
CA ASN A 456 -12.51 21.75 21.95
C ASN A 456 -13.89 22.41 21.90
N ASP A 457 -14.15 23.29 22.87
CA ASP A 457 -15.45 23.95 22.96
C ASP A 457 -15.74 24.86 21.76
N PHE A 458 -14.73 25.18 20.95
CA PHE A 458 -14.97 25.95 19.73
C PHE A 458 -15.63 25.11 18.65
N TYR A 459 -15.48 23.78 18.72
CA TYR A 459 -15.89 22.90 17.65
C TYR A 459 -16.86 21.80 18.05
N ASN A 460 -17.01 21.52 19.34
CA ASN A 460 -17.74 20.34 19.78
C ASN A 460 -19.24 20.59 20.00
N ASN A 461 -19.73 21.77 19.62
CA ASN A 461 -21.16 22.06 19.60
C ASN A 461 -21.79 21.89 20.99
N GLY A 462 -21.26 22.66 21.94
CA GLY A 462 -21.87 22.82 23.25
C GLY A 462 -21.21 22.05 24.37
N LEU A 463 -20.49 20.97 24.08
CA LEU A 463 -19.83 20.22 25.13
C LEU A 463 -18.78 21.09 25.81
N PRO A 464 -18.49 20.85 27.08
CA PRO A 464 -17.49 21.67 27.77
C PRO A 464 -16.08 21.40 27.26
N SER A 465 -15.28 22.46 27.25
CA SER A 465 -13.87 22.32 26.89
C SER A 465 -13.22 21.25 27.75
N ASN A 466 -12.38 20.43 27.13
CA ASN A 466 -11.72 19.28 27.76
C ASN A 466 -12.70 18.21 28.21
N LEU A 467 -13.99 18.35 27.88
CA LEU A 467 -15.03 17.45 28.39
C LEU A 467 -15.03 17.46 29.92
N SER A 468 -14.80 18.64 30.49
CA SER A 468 -14.82 18.80 31.94
C SER A 468 -16.17 18.38 32.49
N GLY A 469 -16.15 17.59 33.57
CA GLY A 469 -17.37 17.04 34.12
C GLY A 469 -17.75 17.57 35.50
N GLY A 470 -16.90 18.42 36.07
CA GLY A 470 -17.15 18.93 37.41
C GLY A 470 -17.93 20.22 37.42
N ARG A 471 -18.47 20.55 38.61
CA ARG A 471 -19.19 21.80 38.79
C ARG A 471 -18.28 23.01 38.63
N ASN A 472 -16.98 22.85 38.82
CA ASN A 472 -16.03 23.96 38.80
C ASN A 472 -15.03 23.76 37.69
N PRO A 473 -15.18 24.43 36.54
CA PRO A 473 -14.23 24.23 35.44
C PRO A 473 -12.81 24.61 35.79
N SER A 474 -12.60 25.46 36.80
CA SER A 474 -11.25 25.84 37.19
C SER A 474 -10.53 24.77 37.99
N LEU A 475 -11.27 23.79 38.52
CA LEU A 475 -10.67 22.63 39.19
C LEU A 475 -10.98 21.33 38.45
N ASP A 476 -11.34 21.41 37.17
CA ASP A 476 -11.54 20.23 36.34
C ASP A 476 -11.08 20.55 34.94
N TYR A 477 -9.96 19.96 34.53
CA TYR A 477 -9.44 20.10 33.18
C TYR A 477 -9.63 18.84 32.35
N GLY A 478 -10.43 17.89 32.84
CA GLY A 478 -10.86 16.75 32.07
C GLY A 478 -9.80 16.02 31.28
N PHE A 479 -9.92 16.05 29.96
CA PHE A 479 -9.08 15.27 29.06
C PHE A 479 -7.93 16.09 28.48
N LYS A 480 -7.60 17.23 29.09
CA LYS A 480 -6.48 18.03 28.61
C LYS A 480 -5.19 17.24 28.62
N GLY A 481 -4.94 16.50 29.71
CA GLY A 481 -3.77 15.64 29.75
C GLY A 481 -3.84 14.52 28.74
N ALA A 482 -5.02 13.95 28.54
CA ALA A 482 -5.19 12.90 27.54
C ALA A 482 -5.01 13.44 26.13
N GLU A 483 -5.40 14.69 25.90
CA GLU A 483 -5.28 15.27 24.55
C GLU A 483 -3.82 15.40 24.15
N VAL A 484 -2.94 15.74 25.10
CA VAL A 484 -1.51 15.76 24.81
C VAL A 484 -1.03 14.36 24.49
N ALA A 485 -1.45 13.37 25.29
CA ALA A 485 -1.09 11.98 25.02
C ALA A 485 -1.51 11.56 23.62
N MET A 486 -2.72 11.94 23.19
CA MET A 486 -3.17 11.59 21.86
C MET A 486 -2.23 12.15 20.80
N ALA A 487 -1.77 13.39 20.98
CA ALA A 487 -0.79 13.96 20.07
C ALA A 487 0.50 13.16 20.07
N SER A 488 0.93 12.69 21.25
CA SER A 488 2.14 11.88 21.32
C SER A 488 1.92 10.52 20.67
N TYR A 489 0.74 9.93 20.87
CA TYR A 489 0.40 8.69 20.18
C TYR A 489 0.45 8.90 18.66
N CYS A 490 -0.30 9.88 18.17
CA CYS A 490 -0.40 10.11 16.73
C CYS A 490 0.97 10.39 16.13
N SER A 491 1.75 11.26 16.76
CA SER A 491 3.05 11.62 16.22
C SER A 491 3.92 10.38 16.02
N GLU A 492 4.01 9.53 17.04
CA GLU A 492 4.82 8.32 16.91
C GLU A 492 4.22 7.38 15.86
N LEU A 493 2.90 7.40 15.68
CA LEU A 493 2.28 6.57 14.65
C LEU A 493 2.72 7.01 13.26
N GLN A 494 2.77 8.32 13.02
CA GLN A 494 3.20 8.81 11.71
C GLN A 494 4.66 8.50 11.45
N PHE A 495 5.47 8.41 12.50
CA PHE A 495 6.86 7.98 12.33
C PHE A 495 6.93 6.51 11.92
N LEU A 496 6.10 5.66 12.54
CA LEU A 496 6.08 4.23 12.19
C LEU A 496 5.47 3.99 10.82
N ALA A 497 4.70 4.94 10.30
CA ALA A 497 4.11 4.78 8.97
C ALA A 497 5.16 4.65 7.87
N ASN A 498 6.40 5.05 8.13
CA ASN A 498 7.44 4.90 7.13
C ASN A 498 7.66 3.42 6.83
N PRO A 499 8.10 3.09 5.62
CA PRO A 499 8.27 1.68 5.25
C PRO A 499 9.58 1.09 5.78
N VAL A 500 9.62 -0.23 5.78
CA VAL A 500 10.82 -0.98 6.12
C VAL A 500 11.45 -1.56 4.86
N THR A 501 10.64 -1.82 3.85
CA THR A 501 11.08 -2.57 2.69
C THR A 501 11.94 -1.76 1.73
N ASN A 502 12.10 -0.45 1.97
CA ASN A 502 13.01 0.38 1.17
C ASN A 502 14.38 0.48 1.80
N HIS A 503 14.73 -0.43 2.71
CA HIS A 503 16.02 -0.43 3.39
C HIS A 503 16.72 -1.77 3.21
N VAL A 504 16.54 -2.38 2.04
CA VAL A 504 17.11 -3.71 1.79
C VAL A 504 18.61 -3.60 1.58
N GLN A 505 19.35 -4.55 2.14
CA GLN A 505 20.80 -4.63 2.01
C GLN A 505 21.15 -5.85 1.17
N SER A 506 22.19 -5.72 0.35
CA SER A 506 22.73 -6.86 -0.37
C SER A 506 23.43 -7.77 0.63
N ALA A 507 22.84 -8.92 0.92
CA ALA A 507 23.21 -9.72 2.10
C ALA A 507 23.79 -11.07 1.70
N GLU A 508 24.40 -11.72 2.69
CA GLU A 508 24.95 -13.06 2.57
C GLU A 508 25.87 -13.17 1.35
N GLN A 509 27.01 -12.50 1.46
CA GLN A 509 27.98 -12.43 0.37
C GLN A 509 27.28 -12.05 -0.94
N HIS A 510 26.28 -11.19 -0.83
CA HIS A 510 25.51 -10.66 -1.96
C HIS A 510 24.74 -11.73 -2.70
N ASN A 511 24.62 -12.93 -2.13
CA ASN A 511 23.70 -13.92 -2.70
C ASN A 511 22.25 -13.49 -2.50
N GLN A 512 21.94 -12.97 -1.31
CA GLN A 512 20.62 -12.43 -1.02
C GLN A 512 20.60 -10.92 -1.31
N ASP A 513 20.93 -10.58 -2.56
CA ASP A 513 20.99 -9.18 -2.95
C ASP A 513 19.62 -8.50 -2.91
N VAL A 514 18.54 -9.26 -2.79
CA VAL A 514 17.22 -8.71 -2.49
C VAL A 514 16.59 -9.57 -1.39
N ASN A 515 15.93 -8.90 -0.44
CA ASN A 515 15.25 -9.58 0.64
C ASN A 515 14.12 -8.68 1.13
N SER A 516 13.10 -9.30 1.72
CA SER A 516 11.83 -8.62 1.94
C SER A 516 11.74 -7.89 3.27
N LEU A 517 12.54 -8.27 4.26
CA LEU A 517 12.48 -7.66 5.59
C LEU A 517 11.10 -7.82 6.24
N GLY A 518 10.34 -8.82 5.79
CA GLY A 518 8.99 -9.07 6.28
C GLY A 518 8.78 -8.99 7.78
N LEU A 519 9.51 -9.80 8.56
CA LEU A 519 9.28 -9.80 10.01
C LEU A 519 9.52 -8.43 10.61
N ILE A 520 10.61 -7.76 10.22
CA ILE A 520 10.88 -6.41 10.72
C ILE A 520 9.66 -5.52 10.46
N SER A 521 9.10 -5.59 9.26
CA SER A 521 7.91 -4.80 8.96
C SER A 521 6.73 -5.23 9.83
N SER A 522 6.51 -6.54 9.99
CA SER A 522 5.45 -7.01 10.88
C SER A 522 5.65 -6.48 12.29
N ARG A 523 6.90 -6.38 12.73
CA ARG A 523 7.19 -5.90 14.09
C ARG A 523 6.82 -4.43 14.24
N LYS A 524 7.11 -3.62 13.23
CA LYS A 524 6.75 -2.20 13.32
C LYS A 524 5.26 -1.98 13.15
N THR A 525 4.60 -2.83 12.34
CA THR A 525 3.15 -2.73 12.22
C THR A 525 2.45 -3.19 13.48
N SER A 526 3.02 -4.18 14.19
CA SER A 526 2.48 -4.56 15.48
C SER A 526 2.60 -3.41 16.48
N GLU A 527 3.77 -2.75 16.49
CA GLU A 527 3.94 -1.57 17.33
C GLU A 527 2.90 -0.51 17.00
N ALA A 528 2.60 -0.34 15.72
CA ALA A 528 1.62 0.67 15.30
C ALA A 528 0.22 0.31 15.77
N VAL A 529 -0.13 -0.99 15.75
CA VAL A 529 -1.44 -1.41 16.22
C VAL A 529 -1.58 -1.11 17.70
N GLU A 530 -0.56 -1.44 18.49
CA GLU A 530 -0.63 -1.21 19.93
C GLU A 530 -0.81 0.26 20.25
N ILE A 531 -0.15 1.15 19.51
CA ILE A 531 -0.37 2.58 19.71
C ILE A 531 -1.80 2.95 19.31
N LEU A 532 -2.29 2.40 18.20
CA LEU A 532 -3.68 2.64 17.83
C LEU A 532 -4.63 2.14 18.90
N LYS A 533 -4.24 1.09 19.64
CA LYS A 533 -5.03 0.65 20.78
C LYS A 533 -5.00 1.68 21.90
N LEU A 534 -3.84 2.29 22.15
CA LEU A 534 -3.77 3.39 23.11
C LEU A 534 -4.69 4.53 22.68
N MET A 535 -4.67 4.87 21.40
CA MET A 535 -5.55 5.93 20.90
C MET A 535 -7.02 5.51 20.98
N SER A 536 -7.30 4.24 20.67
CA SER A 536 -8.68 3.76 20.72
C SER A 536 -9.22 3.77 22.15
N THR A 537 -8.40 3.33 23.10
CA THR A 537 -8.81 3.38 24.50
C THR A 537 -9.18 4.81 24.90
N THR A 538 -8.25 5.75 24.70
CA THR A 538 -8.48 7.12 25.14
C THR A 538 -9.68 7.73 24.44
N PHE A 539 -9.77 7.55 23.12
CA PHE A 539 -10.87 8.14 22.35
C PHE A 539 -12.21 7.58 22.80
N LEU A 540 -12.27 6.27 23.05
CA LEU A 540 -13.54 5.64 23.41
C LEU A 540 -14.05 6.12 24.77
N VAL A 541 -13.14 6.27 25.74
CA VAL A 541 -13.55 6.77 27.05
C VAL A 541 -14.01 8.23 26.95
N GLY A 542 -13.39 9.00 26.05
CA GLY A 542 -13.82 10.38 25.86
C GLY A 542 -15.22 10.48 25.29
N LEU A 543 -15.54 9.62 24.33
CA LEU A 543 -16.90 9.59 23.78
C LEU A 543 -17.92 9.30 24.87
N CYS A 544 -17.62 8.35 25.76
CA CYS A 544 -18.53 8.05 26.86
C CYS A 544 -18.64 9.23 27.82
N GLN A 545 -17.53 9.92 28.06
CA GLN A 545 -17.59 11.17 28.81
C GLN A 545 -18.51 12.16 28.13
N ALA A 546 -18.34 12.33 26.81
CA ALA A 546 -19.19 13.26 26.07
C ALA A 546 -20.64 12.82 26.11
N ILE A 547 -20.89 11.51 26.02
CA ILE A 547 -22.25 10.99 26.13
C ILE A 547 -22.88 11.44 27.45
N ASP A 548 -22.21 11.15 28.57
CA ASP A 548 -22.73 11.57 29.87
C ASP A 548 -22.95 13.08 29.93
N LEU A 549 -22.03 13.84 29.33
CA LEU A 549 -22.18 15.30 29.33
C LEU A 549 -23.39 15.73 28.51
N ARG A 550 -23.68 15.03 27.42
CA ARG A 550 -24.92 15.29 26.69
C ARG A 550 -26.14 14.95 27.53
N HIS A 551 -26.07 13.85 28.29
CA HIS A 551 -27.14 13.51 29.22
C HIS A 551 -27.27 14.59 30.30
N LEU A 552 -26.14 15.14 30.76
CA LEU A 552 -26.20 16.22 31.73
C LEU A 552 -26.74 17.51 31.10
N GLU A 553 -26.36 17.78 29.85
CA GLU A 553 -26.83 18.98 29.18
C GLU A 553 -28.35 19.00 29.07
N GLU A 554 -28.95 17.87 28.66
CA GLU A 554 -30.39 17.83 28.47
C GLU A 554 -31.12 17.99 29.80
N ASN A 555 -30.66 17.32 30.85
CA ASN A 555 -31.33 17.40 32.15
C ASN A 555 -31.24 18.81 32.72
N LEU A 556 -30.05 19.41 32.69
CA LEU A 556 -29.88 20.73 33.29
C LEU A 556 -30.51 21.82 32.44
N LYS A 557 -30.51 21.67 31.12
CA LYS A 557 -31.20 22.63 30.27
C LYS A 557 -32.71 22.61 30.55
N SER A 558 -33.24 21.46 30.95
CA SER A 558 -34.65 21.39 31.32
C SER A 558 -34.88 22.02 32.69
N THR A 559 -33.96 21.81 33.63
CA THR A 559 -34.08 22.42 34.95
C THR A 559 -34.04 23.94 34.84
N VAL A 560 -33.15 24.48 34.02
CA VAL A 560 -33.08 25.93 33.82
C VAL A 560 -34.39 26.44 33.24
N LYS A 561 -34.92 25.75 32.23
CA LYS A 561 -36.18 26.16 31.61
C LYS A 561 -37.29 26.26 32.65
N ASN A 562 -37.44 25.23 33.48
CA ASN A 562 -38.54 25.20 34.44
C ASN A 562 -38.40 26.33 35.46
N THR A 563 -37.19 26.55 35.96
CA THR A 563 -36.99 27.62 36.94
C THR A 563 -37.21 28.99 36.29
N VAL A 564 -36.68 29.19 35.08
CA VAL A 564 -36.88 30.47 34.40
C VAL A 564 -38.36 30.71 34.14
N SER A 565 -39.09 29.68 33.74
CA SER A 565 -40.52 29.82 33.50
C SER A 565 -41.27 30.05 34.80
N SER A 566 -40.91 29.30 35.85
CA SER A 566 -41.55 29.48 37.15
C SER A 566 -41.36 30.90 37.66
N VAL A 567 -40.17 31.47 37.47
CA VAL A 567 -39.89 32.81 37.97
C VAL A 567 -40.58 33.86 37.09
N ALA A 568 -40.69 33.61 35.79
CA ALA A 568 -41.32 34.58 34.91
C ALA A 568 -42.83 34.63 35.12
N LYS A 569 -43.46 33.47 35.30
CA LYS A 569 -44.89 33.45 35.60
C LYS A 569 -45.19 34.20 36.89
N ARG A 570 -44.32 34.06 37.89
CA ARG A 570 -44.50 34.78 39.15
C ARG A 570 -44.38 36.28 38.95
N VAL A 571 -43.34 36.72 38.27
CA VAL A 571 -42.92 38.12 38.27
C VAL A 571 -43.49 38.89 37.08
N LEU A 572 -43.32 38.36 35.87
CA LEU A 572 -43.67 39.10 34.66
C LEU A 572 -45.18 39.14 34.39
N THR A 573 -46.01 38.72 35.34
CA THR A 573 -47.47 38.74 35.16
C THR A 573 -48.15 39.34 36.38
N PHE A 585 -45.96 36.53 25.48
CA PHE A 585 -44.92 36.63 24.46
C PHE A 585 -43.55 36.89 25.09
N CYS A 586 -43.55 37.42 26.32
CA CYS A 586 -42.28 37.68 27.00
C CYS A 586 -41.74 36.44 27.69
N GLU A 587 -42.62 35.56 28.19
CA GLU A 587 -42.17 34.31 28.78
C GLU A 587 -41.77 33.29 27.72
N LYS A 588 -42.32 33.40 26.51
CA LYS A 588 -41.97 32.49 25.44
C LYS A 588 -40.57 32.81 24.88
N ASP A 589 -40.22 34.10 24.81
CA ASP A 589 -38.91 34.48 24.32
C ASP A 589 -37.81 34.23 25.37
N LEU A 590 -38.15 34.30 26.65
CA LEU A 590 -37.17 34.02 27.70
C LEU A 590 -36.68 32.58 27.61
N LEU A 591 -37.57 31.64 27.35
CA LEU A 591 -37.19 30.24 27.29
C LEU A 591 -36.46 29.92 25.98
N ARG A 592 -36.74 30.66 24.91
CA ARG A 592 -35.98 30.47 23.67
C ARG A 592 -34.50 30.77 23.90
N VAL A 593 -34.18 31.73 24.77
CA VAL A 593 -32.80 32.00 25.12
C VAL A 593 -32.17 30.75 25.73
N VAL A 594 -32.86 30.15 26.70
CA VAL A 594 -32.34 28.92 27.31
C VAL A 594 -32.18 27.83 26.26
N ASP A 595 -33.05 27.82 25.25
CA ASP A 595 -32.91 26.85 24.17
C ASP A 595 -31.62 27.08 23.39
N ARG A 596 -31.29 28.35 23.10
CA ARG A 596 -30.19 28.65 22.21
C ARG A 596 -28.84 28.54 22.90
N GLU A 597 -28.75 28.90 24.17
CA GLU A 597 -27.47 28.97 24.86
C GLU A 597 -26.99 27.58 25.26
N TYR A 598 -25.69 27.35 25.08
CA TYR A 598 -25.07 26.11 25.49
C TYR A 598 -25.01 26.04 27.02
N ILE A 599 -25.58 24.99 27.58
CA ILE A 599 -25.66 24.84 29.03
C ILE A 599 -24.28 25.05 29.66
N PHE A 600 -23.28 24.38 29.12
CA PHE A 600 -21.95 24.38 29.73
C PHE A 600 -21.18 25.67 29.49
N ALA A 601 -21.85 26.70 28.98
CA ALA A 601 -21.27 28.04 28.91
C ALA A 601 -21.63 28.88 30.13
N TYR A 602 -22.42 28.35 31.06
CA TYR A 602 -22.84 29.14 32.22
C TYR A 602 -23.21 28.29 33.43
N ILE A 603 -23.33 26.97 33.27
CA ILE A 603 -24.00 26.18 34.29
C ILE A 603 -23.15 26.06 35.55
N ASP A 604 -21.82 26.13 35.43
CA ASP A 604 -20.98 26.09 36.62
C ASP A 604 -21.31 27.21 37.60
N ASP A 605 -21.92 28.29 37.11
CA ASP A 605 -22.45 29.35 37.97
C ASP A 605 -23.64 29.97 37.24
N PRO A 606 -24.81 29.35 37.36
CA PRO A 606 -25.93 29.75 36.48
C PRO A 606 -26.31 31.21 36.58
N CYS A 607 -26.09 31.85 37.72
CA CYS A 607 -26.57 33.21 37.96
C CYS A 607 -25.44 34.24 37.98
N SER A 608 -24.31 33.93 37.34
CA SER A 608 -23.25 34.91 37.20
C SER A 608 -23.64 35.97 36.19
N ALA A 609 -23.56 37.24 36.59
CA ALA A 609 -23.92 38.34 35.70
C ALA A 609 -22.97 38.47 34.52
N THR A 610 -21.83 37.78 34.54
CA THR A 610 -20.88 37.82 33.44
C THR A 610 -21.07 36.68 32.45
N TYR A 611 -21.89 35.68 32.78
CA TYR A 611 -22.17 34.56 31.90
C TYR A 611 -23.35 34.89 30.99
N PRO A 612 -23.55 34.10 29.92
CA PRO A 612 -24.58 34.46 28.93
C PRO A 612 -26.01 34.25 29.38
N LEU A 613 -26.27 33.38 30.36
CA LEU A 613 -27.66 33.14 30.77
C LEU A 613 -28.29 34.43 31.27
N MET A 614 -27.79 34.96 32.39
CA MET A 614 -28.34 36.18 32.95
C MET A 614 -28.23 37.35 31.98
N GLN A 615 -27.18 37.39 31.16
CA GLN A 615 -27.01 38.48 30.22
C GLN A 615 -28.08 38.44 29.13
N LYS A 616 -28.18 37.33 28.42
CA LYS A 616 -29.14 37.23 27.32
C LYS A 616 -30.58 37.17 27.82
N LEU A 617 -30.81 36.74 29.06
CA LEU A 617 -32.15 36.86 29.64
C LEU A 617 -32.52 38.33 29.83
N ARG A 618 -31.60 39.13 30.36
CA ARG A 618 -31.87 40.55 30.54
C ARG A 618 -32.12 41.24 29.20
N GLN A 619 -31.29 40.94 28.20
CA GLN A 619 -31.47 41.52 26.88
C GLN A 619 -32.88 41.28 26.35
N THR A 620 -33.40 40.07 26.53
CA THR A 620 -34.74 39.76 26.06
C THR A 620 -35.79 40.61 26.77
N LEU A 621 -35.60 40.85 28.06
CA LEU A 621 -36.51 41.72 28.80
C LEU A 621 -36.42 43.15 28.31
N VAL A 622 -35.20 43.65 28.12
CA VAL A 622 -35.01 45.01 27.63
C VAL A 622 -35.65 45.17 26.26
N GLU A 623 -35.47 44.18 25.39
CA GLU A 623 -36.09 44.24 24.06
C GLU A 623 -37.59 44.42 24.17
N HIS A 624 -38.24 43.68 25.07
CA HIS A 624 -39.69 43.80 25.21
C HIS A 624 -40.09 45.12 25.85
N ALA A 625 -39.33 45.57 26.85
CA ALA A 625 -39.65 46.83 27.51
C ALA A 625 -39.65 47.99 26.52
N LEU A 626 -38.70 47.98 25.57
CA LEU A 626 -38.65 49.04 24.56
C LEU A 626 -39.84 48.98 23.63
N LYS A 627 -40.40 47.79 23.40
CA LYS A 627 -41.57 47.65 22.53
C LYS A 627 -42.84 47.92 23.32
N SER A 638 -44.81 48.24 33.56
CA SER A 638 -43.45 48.52 33.09
C SER A 638 -42.59 47.26 33.16
N ILE A 639 -42.16 46.78 31.99
CA ILE A 639 -41.33 45.57 31.95
C ILE A 639 -39.92 45.85 32.46
N PHE A 640 -39.48 47.11 32.43
CA PHE A 640 -38.15 47.44 32.91
C PHE A 640 -38.07 47.47 34.43
N GLN A 641 -39.15 47.89 35.09
CA GLN A 641 -39.14 47.99 36.55
C GLN A 641 -39.08 46.62 37.22
N LYS A 642 -39.42 45.54 36.50
CA LYS A 642 -39.45 44.21 37.07
C LYS A 642 -38.16 43.42 36.84
N ILE A 643 -37.21 43.98 36.08
CA ILE A 643 -35.96 43.27 35.81
C ILE A 643 -35.25 42.94 37.12
N ALA A 644 -35.10 43.94 38.00
CA ALA A 644 -34.38 43.72 39.24
C ALA A 644 -35.00 42.58 40.05
N THR A 645 -36.32 42.53 40.10
CA THR A 645 -37.00 41.45 40.84
C THR A 645 -36.75 40.10 40.18
N PHE A 646 -36.91 40.03 38.85
CA PHE A 646 -36.70 38.77 38.14
C PHE A 646 -35.31 38.21 38.43
N GLU A 647 -34.29 39.06 38.45
CA GLU A 647 -32.93 38.57 38.66
C GLU A 647 -32.69 38.19 40.12
N ASP A 648 -33.40 38.82 41.05
CA ASP A 648 -33.28 38.42 42.45
C ASP A 648 -33.91 37.05 42.68
N GLU A 649 -35.13 36.85 42.20
CA GLU A 649 -35.81 35.57 42.37
C GLU A 649 -35.02 34.44 41.71
N LEU A 650 -34.56 34.67 40.49
CA LEU A 650 -33.79 33.63 39.79
C LEU A 650 -32.49 33.33 40.50
N LYS A 651 -31.84 34.37 41.04
CA LYS A 651 -30.58 34.15 41.77
C LYS A 651 -30.80 33.31 43.02
N ALA A 652 -32.01 33.35 43.59
CA ALA A 652 -32.30 32.60 44.80
C ALA A 652 -32.73 31.17 44.53
N LEU A 653 -33.43 30.93 43.41
CA LEU A 653 -33.98 29.62 43.11
C LEU A 653 -33.11 28.80 42.16
N LEU A 654 -32.62 29.42 41.08
CA LEU A 654 -31.95 28.64 40.03
C LEU A 654 -30.74 27.88 40.55
N PRO A 655 -29.83 28.49 41.33
CA PRO A 655 -28.69 27.70 41.81
C PRO A 655 -29.10 26.46 42.59
N LYS A 656 -30.12 26.58 43.44
CA LYS A 656 -30.57 25.42 44.22
C LYS A 656 -31.14 24.34 43.31
N GLU A 657 -31.92 24.73 42.30
CA GLU A 657 -32.54 23.75 41.42
C GLU A 657 -31.50 23.06 40.55
N VAL A 658 -30.57 23.83 39.96
CA VAL A 658 -29.52 23.23 39.15
C VAL A 658 -28.77 22.17 39.96
N GLU A 659 -28.34 22.54 41.17
CA GLU A 659 -27.62 21.59 42.02
C GLU A 659 -28.49 20.37 42.32
N SER A 660 -29.77 20.58 42.62
CA SER A 660 -30.67 19.46 42.89
C SER A 660 -30.75 18.53 41.69
N ALA A 661 -30.91 19.10 40.49
CA ALA A 661 -31.04 18.28 39.29
C ALA A 661 -29.75 17.50 39.02
N ARG A 662 -28.60 18.11 39.25
CA ARG A 662 -27.34 17.42 38.98
C ARG A 662 -27.12 16.28 39.96
N ALA A 663 -27.49 16.49 41.24
CA ALA A 663 -27.35 15.41 42.22
C ALA A 663 -28.30 14.26 41.90
N ALA A 664 -29.53 14.57 41.51
CA ALA A 664 -30.45 13.52 41.11
C ALA A 664 -29.91 12.73 39.93
N LEU A 665 -29.31 13.42 38.96
CA LEU A 665 -28.66 12.73 37.84
C LEU A 665 -27.47 11.93 38.33
N GLU A 666 -26.60 12.55 39.13
CA GLU A 666 -25.46 11.83 39.69
C GLU A 666 -25.91 10.69 40.60
N SER A 667 -27.08 10.81 41.21
CA SER A 667 -27.61 9.76 42.08
C SER A 667 -28.33 8.66 41.31
N GLY A 668 -28.37 8.74 39.98
CA GLY A 668 -29.03 7.72 39.18
C GLY A 668 -30.51 7.94 38.95
N ASN A 669 -31.06 9.07 39.43
CA ASN A 669 -32.48 9.38 39.26
C ASN A 669 -32.61 10.65 38.42
N PRO A 670 -32.24 10.61 37.14
CA PRO A 670 -32.38 11.78 36.29
C PRO A 670 -33.83 12.02 35.91
N ALA A 671 -34.18 13.30 35.80
CA ALA A 671 -35.53 13.66 35.34
C ALA A 671 -35.74 13.23 33.90
N ILE A 672 -34.67 13.17 33.11
CA ILE A 672 -34.75 12.71 31.72
C ILE A 672 -33.70 11.60 31.57
N PRO A 673 -34.08 10.41 31.11
CA PRO A 673 -33.12 9.31 31.07
C PRO A 673 -32.10 9.49 29.95
N ASN A 674 -30.93 8.91 30.15
CA ASN A 674 -29.84 9.04 29.19
C ASN A 674 -30.27 8.49 27.84
N ARG A 675 -30.34 9.37 26.84
CA ARG A 675 -30.81 8.97 25.52
C ARG A 675 -29.96 7.86 24.91
N ILE A 676 -28.72 7.67 25.37
CA ILE A 676 -27.89 6.62 24.80
C ILE A 676 -28.52 5.25 25.00
N GLU A 677 -29.26 5.07 26.10
CA GLU A 677 -29.87 3.78 26.39
C GLU A 677 -30.73 3.27 25.24
N GLU A 678 -31.22 4.16 24.38
CA GLU A 678 -32.04 3.80 23.23
C GLU A 678 -31.31 4.08 21.91
N CYS A 679 -29.98 4.00 21.92
CA CYS A 679 -29.16 4.15 20.73
C CYS A 679 -28.58 2.81 20.31
N ARG A 680 -28.40 2.64 18.99
CA ARG A 680 -27.75 1.44 18.48
C ARG A 680 -26.30 1.34 18.95
N SER A 681 -25.68 2.47 19.30
CA SER A 681 -24.33 2.48 19.86
C SER A 681 -24.30 2.20 21.35
N TYR A 682 -25.44 1.92 21.96
CA TYR A 682 -25.48 1.69 23.41
C TYR A 682 -24.53 0.58 23.86
N PRO A 683 -24.42 -0.55 23.16
CA PRO A 683 -23.56 -1.64 23.67
C PRO A 683 -22.14 -1.18 24.03
N LEU A 684 -21.49 -0.41 23.16
CA LEU A 684 -20.14 0.06 23.46
C LEU A 684 -20.13 0.92 24.72
N TYR A 685 -21.07 1.85 24.83
CA TYR A 685 -21.19 2.64 26.06
C TYR A 685 -21.48 1.75 27.25
N LYS A 686 -22.45 0.85 27.12
CA LYS A 686 -22.77 -0.08 28.21
C LYS A 686 -21.54 -0.90 28.60
N PHE A 687 -20.72 -1.27 27.62
CA PHE A 687 -19.52 -2.06 27.90
C PHE A 687 -18.51 -1.25 28.71
N VAL A 688 -18.23 -0.03 28.26
CA VAL A 688 -17.26 0.82 28.95
C VAL A 688 -17.75 1.16 30.36
N ARG A 689 -18.97 1.66 30.47
CA ARG A 689 -19.49 2.10 31.76
C ARG A 689 -19.92 0.93 32.64
N LYS A 690 -20.92 0.17 32.20
CA LYS A 690 -21.55 -0.82 33.07
C LYS A 690 -20.66 -2.04 33.26
N GLU A 691 -20.25 -2.67 32.16
CA GLU A 691 -19.53 -3.94 32.26
C GLU A 691 -18.12 -3.74 32.80
N LEU A 692 -17.42 -2.71 32.34
CA LEU A 692 -16.03 -2.49 32.77
C LEU A 692 -15.92 -1.62 34.01
N GLY A 693 -16.93 -0.81 34.32
CA GLY A 693 -16.87 0.07 35.46
C GLY A 693 -16.19 1.40 35.21
N THR A 694 -15.86 1.72 33.95
CA THR A 694 -15.29 3.01 33.64
C THR A 694 -16.22 4.11 34.14
N GLU A 695 -15.68 5.00 34.95
CA GLU A 695 -16.48 5.99 35.65
C GLU A 695 -16.36 7.37 35.01
N TYR A 696 -17.42 8.15 35.14
CA TYR A 696 -17.42 9.55 34.74
C TYR A 696 -16.25 10.28 35.39
N LEU A 697 -15.44 10.94 34.56
CA LEU A 697 -14.26 11.66 35.04
C LEU A 697 -14.66 13.08 35.43
N THR A 698 -14.51 13.40 36.71
CA THR A 698 -14.86 14.71 37.23
C THR A 698 -13.77 15.19 38.16
N GLY A 699 -13.48 16.49 38.09
CA GLY A 699 -12.46 17.10 38.93
C GLY A 699 -12.81 17.16 40.40
N GLU A 700 -14.02 16.76 40.77
CA GLU A 700 -14.43 16.72 42.18
C GLU A 700 -14.08 15.40 42.85
N LYS A 701 -13.63 14.40 42.08
CA LYS A 701 -13.16 13.14 42.61
C LYS A 701 -11.67 13.00 42.33
N VAL A 702 -11.03 12.05 43.02
CA VAL A 702 -9.58 11.88 42.89
C VAL A 702 -9.18 11.00 41.72
N THR A 703 -10.12 10.29 41.10
CA THR A 703 -9.79 9.36 40.04
C THR A 703 -9.26 10.10 38.81
N SER A 704 -8.13 9.58 38.26
CA SER A 704 -7.47 10.21 37.12
C SER A 704 -7.90 9.55 35.81
N PRO A 705 -7.84 10.26 34.70
CA PRO A 705 -8.24 9.66 33.42
C PRO A 705 -7.53 8.35 33.10
N GLY A 706 -6.24 8.26 33.43
CA GLY A 706 -5.50 7.05 33.14
C GLY A 706 -6.09 5.82 33.79
N GLU A 707 -6.53 5.96 35.04
CA GLU A 707 -7.11 4.82 35.75
C GLU A 707 -8.31 4.26 35.00
N GLU A 708 -9.18 5.13 34.48
CA GLU A 708 -10.27 4.68 33.64
C GLU A 708 -9.76 4.10 32.32
N PHE A 709 -8.67 4.63 31.78
CA PHE A 709 -8.13 4.13 30.53
C PHE A 709 -7.61 2.70 30.68
N GLU A 710 -7.06 2.35 31.85
CA GLU A 710 -6.55 1.01 32.07
C GLU A 710 -7.62 -0.04 31.77
N LYS A 711 -8.84 0.19 32.29
CA LYS A 711 -9.90 -0.81 32.16
C LYS A 711 -10.19 -1.11 30.70
N VAL A 712 -10.42 -0.08 29.89
CA VAL A 712 -10.75 -0.30 28.49
C VAL A 712 -9.57 -0.89 27.73
N PHE A 713 -8.36 -0.36 27.97
CA PHE A 713 -7.20 -0.84 27.23
C PHE A 713 -6.89 -2.30 27.56
N ILE A 714 -7.01 -2.69 28.83
CA ILE A 714 -6.77 -4.08 29.20
C ILE A 714 -7.81 -4.98 28.53
N ALA A 715 -9.08 -4.60 28.63
CA ALA A 715 -10.14 -5.39 28.01
C ALA A 715 -9.96 -5.45 26.49
N MET A 716 -9.60 -4.31 25.88
CA MET A 716 -9.35 -4.30 24.45
C MET A 716 -8.23 -5.26 24.07
N SER A 717 -7.23 -5.41 24.95
CA SER A 717 -6.15 -6.36 24.68
C SER A 717 -6.62 -7.81 24.82
N LYS A 718 -7.60 -8.04 25.69
CA LYS A 718 -8.17 -9.37 25.86
C LYS A 718 -9.28 -9.67 24.84
N GLY A 719 -9.44 -8.82 23.82
CA GLY A 719 -10.46 -9.03 22.82
C GLY A 719 -11.88 -8.83 23.30
N GLU A 720 -12.08 -8.22 24.47
CA GLU A 720 -13.41 -8.07 25.03
C GLU A 720 -14.23 -6.97 24.36
N ILE A 721 -13.65 -6.22 23.42
CA ILE A 721 -14.42 -5.18 22.73
C ILE A 721 -15.06 -5.70 21.46
N ILE A 722 -14.79 -6.94 21.06
CA ILE A 722 -15.30 -7.47 19.80
C ILE A 722 -16.82 -7.60 19.86
N ASP A 723 -17.36 -8.14 20.96
CA ASP A 723 -18.78 -8.38 21.04
C ASP A 723 -19.60 -7.08 21.09
N PRO A 724 -19.36 -6.20 22.07
CA PRO A 724 -20.12 -4.92 22.06
C PRO A 724 -19.99 -4.15 20.77
N LEU A 725 -18.82 -4.20 20.12
CA LEU A 725 -18.66 -3.56 18.83
C LEU A 725 -19.61 -4.15 17.80
N LEU A 726 -19.52 -5.47 17.58
CA LEU A 726 -20.35 -6.11 16.57
C LEU A 726 -21.83 -6.03 16.91
N GLU A 727 -22.17 -5.98 18.20
CA GLU A 727 -23.58 -5.87 18.58
C GLU A 727 -24.19 -4.55 18.12
N SER A 728 -23.38 -3.52 17.91
CA SER A 728 -23.89 -2.25 17.43
C SER A 728 -24.38 -2.33 15.99
N LEU A 729 -23.94 -3.33 15.24
CA LEU A 729 -24.33 -3.49 13.84
C LEU A 729 -25.07 -4.79 13.59
N GLU A 730 -25.35 -5.58 14.62
CA GLU A 730 -25.86 -6.93 14.43
C GLU A 730 -27.21 -6.94 13.69
N SER A 731 -27.92 -5.82 13.68
CA SER A 731 -29.18 -5.72 12.95
C SER A 731 -29.03 -4.98 11.62
N TRP A 732 -27.80 -4.80 11.14
CA TRP A 732 -27.58 -4.15 9.86
C TRP A 732 -27.73 -5.18 8.74
N ASN A 733 -28.50 -4.82 7.72
CA ASN A 733 -28.72 -5.73 6.59
C ASN A 733 -27.55 -5.75 5.62
N GLY A 734 -26.47 -5.04 5.91
CA GLY A 734 -25.33 -5.01 5.01
C GLY A 734 -25.54 -4.21 3.75
N ALA A 735 -26.50 -3.30 3.75
CA ALA A 735 -26.80 -2.46 2.59
C ALA A 735 -27.13 -1.06 3.07
N PRO A 736 -26.91 -0.06 2.23
CA PRO A 736 -27.23 1.31 2.63
C PRO A 736 -28.72 1.57 2.58
N LEU A 737 -29.14 2.63 3.26
CA LEU A 737 -30.53 3.03 3.21
C LEU A 737 -30.86 3.56 1.81
N PRO A 738 -32.05 3.28 1.29
CA PRO A 738 -32.38 3.75 -0.07
C PRO A 738 -32.31 5.26 -0.17
N ILE A 739 -31.95 5.72 -1.37
CA ILE A 739 -31.81 7.14 -1.64
C ILE A 739 -32.93 7.61 -2.55
N GLU B 51 -26.73 -8.89 -5.41
CA GLU B 51 -26.37 -9.06 -4.00
C GLU B 51 -25.06 -8.34 -3.69
N ASP B 52 -24.83 -7.21 -4.35
CA ASP B 52 -23.61 -6.42 -4.19
C ASP B 52 -23.97 -5.00 -3.76
N PRO B 53 -24.62 -4.85 -2.61
CA PRO B 53 -25.11 -3.52 -2.22
C PRO B 53 -24.02 -2.50 -1.96
N LEU B 54 -22.85 -2.93 -1.48
CA LEU B 54 -21.76 -2.02 -1.15
C LEU B 54 -20.73 -1.89 -2.27
N TYR B 55 -20.95 -2.58 -3.39
CA TYR B 55 -20.12 -2.46 -4.59
C TYR B 55 -18.73 -3.08 -4.42
N TRP B 56 -18.56 -3.99 -3.47
CA TRP B 56 -17.31 -4.75 -3.38
C TRP B 56 -17.14 -5.65 -4.59
N GLY B 57 -18.23 -6.30 -5.03
CA GLY B 57 -18.12 -7.28 -6.09
C GLY B 57 -17.78 -6.68 -7.44
N ILE B 58 -18.37 -5.52 -7.75
CA ILE B 58 -18.01 -4.83 -8.99
C ILE B 58 -16.53 -4.50 -9.01
N ALA B 59 -15.98 -4.14 -7.85
CA ALA B 59 -14.55 -3.86 -7.77
C ALA B 59 -13.72 -5.14 -7.92
N ALA B 60 -14.21 -6.24 -7.35
CA ALA B 60 -13.51 -7.51 -7.48
C ALA B 60 -13.57 -8.05 -8.90
N GLU B 61 -14.69 -7.82 -9.60
CA GLU B 61 -14.79 -8.24 -10.99
C GLU B 61 -13.79 -7.49 -11.87
N ALA B 62 -13.37 -6.29 -11.47
CA ALA B 62 -12.40 -5.53 -12.26
C ALA B 62 -10.99 -6.11 -12.18
N MET B 63 -10.69 -6.86 -11.12
CA MET B 63 -9.35 -7.39 -10.89
C MET B 63 -9.17 -8.81 -11.42
N THR B 64 -10.04 -9.24 -12.33
CA THR B 64 -9.91 -10.55 -12.94
C THR B 64 -9.14 -10.44 -14.26
N GLY B 65 -8.66 -11.59 -14.75
CA GLY B 65 -7.83 -11.61 -15.93
C GLY B 65 -6.41 -11.17 -15.61
N SER B 66 -5.52 -11.40 -16.58
CA SER B 66 -4.11 -11.16 -16.37
C SER B 66 -3.81 -9.67 -16.33
N HIS B 67 -2.73 -9.33 -15.62
CA HIS B 67 -2.23 -7.95 -15.65
C HIS B 67 -1.80 -7.56 -17.05
N LEU B 68 -1.20 -8.49 -17.80
CA LEU B 68 -0.78 -8.19 -19.16
C LEU B 68 -1.97 -7.81 -20.03
N ASP B 69 -3.00 -8.66 -20.08
CA ASP B 69 -4.19 -8.34 -20.85
C ASP B 69 -4.72 -6.96 -20.50
N GLU B 70 -4.64 -6.60 -19.22
CA GLU B 70 -5.04 -5.25 -18.80
C GLU B 70 -4.12 -4.19 -19.41
N VAL B 71 -2.82 -4.48 -19.47
CA VAL B 71 -1.88 -3.55 -20.09
C VAL B 71 -2.11 -3.47 -21.60
N LYS B 72 -2.36 -4.61 -22.24
CA LYS B 72 -2.62 -4.62 -23.68
C LYS B 72 -3.88 -3.82 -23.99
N LYS B 73 -4.93 -3.98 -23.20
CA LYS B 73 -6.13 -3.18 -23.38
C LYS B 73 -5.85 -1.71 -23.07
N MET B 74 -5.02 -1.45 -22.06
CA MET B 74 -4.70 -0.07 -21.70
C MET B 74 -3.94 0.63 -22.83
N VAL B 75 -2.95 -0.06 -23.41
CA VAL B 75 -2.22 0.51 -24.53
C VAL B 75 -3.15 0.75 -25.71
N ALA B 76 -3.93 -0.28 -26.09
CA ALA B 76 -4.80 -0.16 -27.25
C ALA B 76 -5.77 1.02 -27.11
N GLU B 77 -6.26 1.27 -25.90
CA GLU B 77 -7.18 2.38 -25.69
C GLU B 77 -6.47 3.72 -25.70
N TYR B 78 -5.21 3.76 -25.25
CA TYR B 78 -4.42 4.98 -25.33
C TYR B 78 -4.36 5.51 -26.76
N ARG B 79 -4.39 4.62 -27.75
CA ARG B 79 -4.16 4.99 -29.14
C ARG B 79 -5.44 5.27 -29.91
N LYS B 80 -6.60 5.13 -29.29
CA LYS B 80 -7.84 5.47 -29.97
C LYS B 80 -7.85 6.98 -30.27
N PRO B 81 -8.34 7.39 -31.44
CA PRO B 81 -8.22 8.81 -31.83
C PRO B 81 -9.18 9.73 -31.09
N VAL B 82 -10.18 9.20 -30.39
CA VAL B 82 -11.20 10.02 -29.74
C VAL B 82 -11.39 9.53 -28.31
N VAL B 83 -11.38 10.46 -27.37
CA VAL B 83 -11.69 10.20 -25.97
C VAL B 83 -13.07 10.80 -25.71
N LYS B 84 -14.08 9.94 -25.62
CA LYS B 84 -15.45 10.37 -25.37
C LYS B 84 -15.76 10.26 -23.88
N LEU B 85 -16.13 11.38 -23.27
CA LEU B 85 -16.39 11.43 -21.84
C LEU B 85 -17.89 11.29 -21.58
N GLY B 86 -18.24 10.41 -20.64
CA GLY B 86 -19.62 10.23 -20.24
C GLY B 86 -19.76 10.24 -18.73
N GLY B 87 -18.68 10.56 -18.03
CA GLY B 87 -18.69 10.60 -16.58
C GLY B 87 -18.61 9.27 -15.90
N GLU B 88 -18.43 8.17 -16.64
CA GLU B 88 -18.44 6.84 -16.05
C GLU B 88 -17.42 5.89 -16.64
N THR B 89 -16.86 6.14 -17.82
CA THR B 89 -15.99 5.18 -18.50
C THR B 89 -14.59 5.72 -18.73
N LEU B 90 -14.17 6.74 -18.00
CA LEU B 90 -12.85 7.31 -18.20
C LEU B 90 -11.79 6.39 -17.62
N THR B 91 -10.74 6.12 -18.40
CA THR B 91 -9.64 5.27 -17.98
C THR B 91 -8.35 6.10 -17.92
N ILE B 92 -7.36 5.57 -17.21
CA ILE B 92 -6.08 6.27 -17.09
C ILE B 92 -5.40 6.36 -18.45
N SER B 93 -5.62 5.37 -19.32
CA SER B 93 -5.05 5.43 -20.66
C SER B 93 -5.58 6.62 -21.43
N GLN B 94 -6.87 6.96 -21.24
CA GLN B 94 -7.42 8.14 -21.88
C GLN B 94 -6.86 9.42 -21.28
N VAL B 95 -6.64 9.41 -19.96
CA VAL B 95 -6.03 10.58 -19.32
C VAL B 95 -4.60 10.76 -19.82
N ALA B 96 -3.85 9.66 -19.95
CA ALA B 96 -2.48 9.75 -20.44
C ALA B 96 -2.43 10.27 -21.86
N ALA B 97 -3.28 9.72 -22.74
CA ALA B 97 -3.24 10.10 -24.14
C ALA B 97 -3.57 11.57 -24.34
N ILE B 98 -4.49 12.10 -23.54
CA ILE B 98 -4.85 13.51 -23.66
C ILE B 98 -3.80 14.38 -23.00
N SER B 99 -3.22 13.93 -21.88
CA SER B 99 -2.18 14.70 -21.21
C SER B 99 -0.98 14.93 -22.12
N ALA B 100 -0.75 14.04 -23.09
CA ALA B 100 0.37 14.19 -24.00
C ALA B 100 0.16 15.39 -24.91
N ARG B 101 1.24 16.14 -25.12
CA ARG B 101 1.27 17.27 -26.04
C ARG B 101 2.31 16.98 -27.11
N ASP B 102 2.03 15.93 -27.91
CA ASP B 102 2.97 15.41 -28.90
C ASP B 102 2.38 15.40 -30.30
N GLY B 103 1.28 16.13 -30.52
CA GLY B 103 0.66 16.14 -31.82
C GLY B 103 0.02 14.84 -32.23
N SER B 104 -0.30 13.97 -31.26
CA SER B 104 -0.94 12.69 -31.57
C SER B 104 -2.28 12.88 -32.26
N GLY B 105 -2.93 14.03 -32.07
CA GLY B 105 -4.20 14.31 -32.70
C GLY B 105 -5.41 13.85 -31.91
N VAL B 106 -5.21 13.14 -30.79
CA VAL B 106 -6.35 12.66 -30.01
C VAL B 106 -7.21 13.84 -29.59
N THR B 107 -8.53 13.66 -29.69
CA THR B 107 -9.49 14.69 -29.35
C THR B 107 -10.42 14.21 -28.26
N VAL B 108 -11.22 15.14 -27.74
CA VAL B 108 -12.15 14.87 -26.65
C VAL B 108 -13.57 15.18 -27.14
N GLU B 109 -14.47 14.21 -26.96
CA GLU B 109 -15.88 14.38 -27.27
C GLU B 109 -16.71 14.22 -26.01
N LEU B 110 -17.78 14.99 -25.90
CA LEU B 110 -18.69 14.93 -24.76
C LEU B 110 -19.98 14.22 -25.17
N SER B 111 -20.35 13.20 -24.41
CA SER B 111 -21.54 12.41 -24.72
C SER B 111 -22.79 13.26 -24.51
N GLU B 112 -23.56 13.45 -25.58
CA GLU B 112 -24.81 14.21 -25.49
C GLU B 112 -25.79 13.61 -24.51
N ALA B 113 -25.63 12.32 -24.18
CA ALA B 113 -26.56 11.67 -23.26
C ALA B 113 -26.49 12.28 -21.87
N ALA B 114 -25.35 12.86 -21.49
CA ALA B 114 -25.19 13.46 -20.18
C ALA B 114 -25.67 14.90 -20.11
N ARG B 115 -26.09 15.49 -21.24
CA ARG B 115 -26.49 16.89 -21.25
C ARG B 115 -27.71 17.13 -20.36
N ALA B 116 -28.68 16.21 -20.41
CA ALA B 116 -29.91 16.40 -19.64
C ALA B 116 -29.61 16.49 -18.15
N GLY B 117 -28.97 15.47 -17.59
CA GLY B 117 -28.65 15.48 -16.17
C GLY B 117 -27.86 16.72 -15.76
N VAL B 118 -26.92 17.14 -16.60
CA VAL B 118 -26.12 18.33 -16.29
C VAL B 118 -27.02 19.56 -16.29
N LYS B 119 -27.83 19.73 -17.33
CA LYS B 119 -28.72 20.89 -17.38
C LYS B 119 -29.74 20.86 -16.24
N ALA B 120 -30.11 19.67 -15.77
CA ALA B 120 -31.08 19.55 -14.69
C ALA B 120 -30.56 20.18 -13.40
N SER B 121 -29.38 19.72 -12.93
CA SER B 121 -28.82 20.27 -11.71
C SER B 121 -28.44 21.74 -11.87
N SER B 122 -28.03 22.14 -13.08
CA SER B 122 -27.74 23.55 -13.32
C SER B 122 -28.99 24.40 -13.17
N ASP B 123 -30.10 23.96 -13.77
CA ASP B 123 -31.35 24.71 -13.66
C ASP B 123 -31.89 24.67 -12.23
N TRP B 124 -31.71 23.56 -11.53
CA TRP B 124 -32.21 23.44 -10.17
C TRP B 124 -31.56 24.49 -9.26
N VAL B 125 -30.26 24.70 -9.41
CA VAL B 125 -29.55 25.68 -8.59
C VAL B 125 -30.10 27.09 -8.85
N MET B 126 -30.21 27.47 -10.12
CA MET B 126 -30.70 28.81 -10.46
C MET B 126 -32.13 29.01 -9.97
N ASP B 127 -32.96 27.97 -10.05
CA ASP B 127 -34.33 28.07 -9.57
C ASP B 127 -34.41 28.09 -8.05
N SER B 128 -33.33 27.70 -7.36
CA SER B 128 -33.31 27.71 -5.91
C SER B 128 -33.00 29.09 -5.34
N MET B 129 -32.37 29.96 -6.11
CA MET B 129 -32.04 31.31 -5.65
C MET B 129 -33.31 32.12 -5.45
N GLY B 154 -22.92 34.67 -7.50
CA GLY B 154 -22.63 35.81 -8.35
C GLY B 154 -21.35 36.50 -7.98
N ALA B 155 -21.46 37.55 -7.16
CA ALA B 155 -20.27 38.23 -6.66
C ALA B 155 -19.45 37.30 -5.76
N LEU B 156 -20.10 36.34 -5.12
CA LEU B 156 -19.38 35.36 -4.31
C LEU B 156 -18.55 34.43 -5.19
N GLN B 157 -19.01 34.15 -6.41
CA GLN B 157 -18.24 33.31 -7.32
C GLN B 157 -17.00 34.03 -7.83
N LYS B 158 -17.06 35.37 -7.94
CA LYS B 158 -15.86 36.12 -8.28
C LYS B 158 -14.87 36.13 -7.11
N GLU B 159 -15.38 36.27 -5.88
CA GLU B 159 -14.49 36.25 -4.72
C GLU B 159 -13.87 34.88 -4.52
N LEU B 160 -14.63 33.81 -4.74
CA LEU B 160 -14.10 32.46 -4.55
C LEU B 160 -12.84 32.25 -5.39
N ILE B 161 -12.91 32.59 -6.67
CA ILE B 161 -11.77 32.37 -7.55
C ILE B 161 -10.61 33.30 -7.19
N ARG B 162 -10.92 34.50 -6.71
CA ARG B 162 -9.86 35.45 -6.38
C ARG B 162 -9.01 34.95 -5.22
N PHE B 163 -9.64 34.64 -4.08
CA PHE B 163 -8.86 34.30 -2.90
C PHE B 163 -8.21 32.92 -3.03
N LEU B 164 -8.71 32.06 -3.92
CA LEU B 164 -8.05 30.78 -4.17
C LEU B 164 -6.89 30.90 -5.15
N ASN B 165 -6.73 32.04 -5.81
CA ASN B 165 -5.55 32.33 -6.63
C ASN B 165 -4.39 32.74 -5.71
N ALA B 166 -4.05 31.84 -4.79
CA ALA B 166 -3.02 32.07 -3.80
C ALA B 166 -1.71 31.36 -4.13
N GLY B 167 -1.56 30.86 -5.35
CA GLY B 167 -0.37 30.16 -5.74
C GLY B 167 0.74 31.08 -6.22
N ILE B 168 1.96 30.54 -6.22
CA ILE B 168 3.16 31.29 -6.60
C ILE B 168 3.78 30.59 -7.80
N PHE B 169 4.03 31.36 -8.86
CA PHE B 169 4.73 30.87 -10.04
C PHE B 169 6.19 31.28 -10.07
N GLY B 170 6.49 32.52 -9.66
CA GLY B 170 7.84 33.04 -9.78
C GLY B 170 8.24 33.15 -11.24
N ASN B 171 9.54 33.00 -11.48
CA ASN B 171 10.08 32.97 -12.83
C ASN B 171 10.42 31.55 -13.23
N GLY B 172 10.37 31.28 -14.53
CA GLY B 172 10.68 29.96 -15.02
C GLY B 172 9.50 29.01 -14.89
N SER B 173 9.81 27.72 -14.81
CA SER B 173 8.78 26.69 -14.72
C SER B 173 9.00 25.74 -13.54
N ASP B 174 9.97 26.02 -12.66
CA ASP B 174 10.23 25.15 -11.53
C ASP B 174 9.02 25.08 -10.59
N ASN B 175 8.28 26.19 -10.45
CA ASN B 175 7.12 26.24 -9.57
C ASN B 175 5.80 26.19 -10.35
N THR B 176 5.83 25.69 -11.58
CA THR B 176 4.65 25.61 -12.42
C THR B 176 4.32 24.14 -12.70
N LEU B 177 3.05 23.81 -12.61
CA LEU B 177 2.61 22.46 -12.91
C LEU B 177 2.90 22.15 -14.37
N PRO B 178 3.49 21.00 -14.69
CA PRO B 178 3.68 20.65 -16.10
C PRO B 178 2.36 20.71 -16.85
N HIS B 179 2.41 21.27 -18.07
CA HIS B 179 1.18 21.48 -18.82
C HIS B 179 0.49 20.16 -19.13
N SER B 180 1.25 19.08 -19.30
CA SER B 180 0.64 17.77 -19.47
C SER B 180 -0.20 17.40 -18.26
N ALA B 181 0.32 17.63 -17.06
CA ALA B 181 -0.47 17.39 -15.86
C ALA B 181 -1.69 18.30 -15.80
N THR B 182 -1.57 19.52 -16.33
CA THR B 182 -2.71 20.42 -16.39
C THR B 182 -3.78 19.89 -17.33
N ARG B 183 -3.38 19.42 -18.52
CA ARG B 183 -4.33 18.83 -19.44
C ARG B 183 -5.03 17.63 -18.80
N ALA B 184 -4.28 16.80 -18.09
CA ALA B 184 -4.89 15.68 -17.37
C ALA B 184 -5.94 16.19 -16.40
N ALA B 185 -5.60 17.21 -15.61
CA ALA B 185 -6.56 17.76 -14.64
C ALA B 185 -7.81 18.29 -15.34
N MET B 186 -7.62 19.02 -16.45
CA MET B 186 -8.77 19.55 -17.18
C MET B 186 -9.69 18.43 -17.64
N LEU B 187 -9.12 17.34 -18.15
CA LEU B 187 -9.94 16.24 -18.63
C LEU B 187 -10.73 15.61 -17.49
N VAL B 188 -10.04 15.25 -16.40
CA VAL B 188 -10.72 14.66 -15.26
C VAL B 188 -11.76 15.62 -14.70
N ARG B 189 -11.45 16.92 -14.71
CA ARG B 189 -12.41 17.90 -14.21
C ARG B 189 -13.73 17.83 -14.97
N ILE B 190 -13.65 17.69 -16.30
CA ILE B 190 -14.85 17.58 -17.11
C ILE B 190 -15.62 16.32 -16.75
N ASN B 191 -14.91 15.18 -16.69
CA ASN B 191 -15.58 13.90 -16.50
C ASN B 191 -16.30 13.84 -15.16
N THR B 192 -15.72 14.44 -14.13
CA THR B 192 -16.32 14.41 -12.80
C THR B 192 -17.46 15.42 -12.64
N LEU B 193 -17.86 16.09 -13.71
CA LEU B 193 -19.00 17.00 -13.69
C LEU B 193 -20.12 16.56 -14.62
N LEU B 194 -19.92 15.50 -15.40
CA LEU B 194 -20.91 15.07 -16.38
C LEU B 194 -22.01 14.19 -15.80
N GLN B 195 -21.84 13.68 -14.58
CA GLN B 195 -22.86 12.82 -13.99
C GLN B 195 -24.17 13.56 -13.73
N GLY B 196 -24.13 14.89 -13.65
CA GLY B 196 -25.33 15.68 -13.44
C GLY B 196 -25.60 16.08 -12.00
N TYR B 197 -24.66 15.87 -11.09
CA TYR B 197 -24.84 16.20 -9.68
C TYR B 197 -24.03 17.40 -9.23
N SER B 198 -23.42 18.13 -10.16
CA SER B 198 -22.54 19.24 -9.82
C SER B 198 -23.17 20.61 -10.02
N GLY B 199 -24.26 20.70 -10.76
CA GLY B 199 -24.95 21.96 -10.96
C GLY B 199 -24.10 23.01 -11.66
N ILE B 200 -23.52 22.64 -12.80
CA ILE B 200 -22.72 23.55 -13.60
C ILE B 200 -23.19 23.49 -15.04
N ARG B 201 -23.11 24.63 -15.72
CA ARG B 201 -23.59 24.72 -17.09
C ARG B 201 -22.75 23.84 -18.02
N PHE B 202 -23.44 23.09 -18.88
CA PHE B 202 -22.75 22.25 -19.85
C PHE B 202 -21.83 23.07 -20.75
N GLU B 203 -22.18 24.34 -21.00
CA GLU B 203 -21.39 25.18 -21.90
C GLU B 203 -19.95 25.30 -21.40
N ILE B 204 -19.76 25.42 -20.08
CA ILE B 204 -18.41 25.54 -19.53
C ILE B 204 -17.61 24.27 -19.80
N LEU B 205 -18.23 23.11 -19.61
CA LEU B 205 -17.56 21.86 -19.94
C LEU B 205 -17.17 21.80 -21.41
N GLU B 206 -17.99 22.39 -22.28
CA GLU B 206 -17.65 22.41 -23.70
C GLU B 206 -16.45 23.30 -23.98
N ALA B 207 -16.32 24.42 -23.26
CA ALA B 207 -15.19 25.32 -23.46
C ALA B 207 -13.89 24.63 -23.08
N ILE B 208 -13.84 23.99 -21.90
CA ILE B 208 -12.63 23.30 -21.49
C ILE B 208 -12.24 22.26 -22.52
N THR B 209 -13.24 21.62 -23.14
CA THR B 209 -12.95 20.62 -24.17
C THR B 209 -12.27 21.27 -25.37
N LYS B 210 -12.67 22.49 -25.72
CA LYS B 210 -11.99 23.20 -26.80
C LYS B 210 -10.55 23.49 -26.43
N PHE B 211 -10.32 23.98 -25.20
CA PHE B 211 -8.95 24.23 -24.74
C PHE B 211 -8.09 22.99 -24.89
N LEU B 212 -8.62 21.82 -24.54
CA LEU B 212 -7.86 20.58 -24.67
C LEU B 212 -7.58 20.24 -26.12
N ASN B 213 -8.62 20.24 -26.96
CA ASN B 213 -8.45 19.84 -28.36
C ASN B 213 -7.66 20.88 -29.14
N GLN B 214 -7.58 22.12 -28.66
CA GLN B 214 -6.75 23.15 -29.28
C GLN B 214 -5.40 23.29 -28.57
N ASN B 215 -5.14 22.48 -27.55
CA ASN B 215 -3.87 22.51 -26.81
C ASN B 215 -3.59 23.91 -26.27
N ILE B 216 -4.65 24.56 -25.78
CA ILE B 216 -4.54 25.84 -25.06
C ILE B 216 -4.63 25.50 -23.58
N THR B 217 -3.50 25.57 -22.88
CA THR B 217 -3.42 25.08 -21.52
C THR B 217 -3.27 26.25 -20.54
N PRO B 218 -4.14 26.37 -19.53
CA PRO B 218 -3.90 27.38 -18.50
C PRO B 218 -2.69 27.03 -17.66
N CYS B 219 -2.04 28.07 -17.14
CA CYS B 219 -0.85 27.89 -16.32
C CYS B 219 -1.27 27.71 -14.85
N LEU B 220 -0.92 26.57 -14.28
CA LEU B 220 -1.27 26.27 -12.90
C LEU B 220 -0.02 26.22 -12.02
N PRO B 221 -0.12 26.57 -10.75
CA PRO B 221 1.03 26.45 -9.85
C PRO B 221 1.30 25.00 -9.50
N LEU B 222 2.59 24.68 -9.33
CA LEU B 222 2.98 23.32 -8.96
C LEU B 222 2.47 22.94 -7.58
N ARG B 223 2.58 23.86 -6.62
CA ARG B 223 2.24 23.60 -5.23
C ARG B 223 1.11 24.51 -4.77
N GLY B 224 0.62 24.22 -3.57
CA GLY B 224 -0.45 25.00 -2.97
C GLY B 224 -1.72 24.21 -2.64
N THR B 225 -1.75 22.87 -2.68
CA THR B 225 -2.97 22.10 -2.35
C THR B 225 -2.71 20.92 -1.40
N ILE B 226 -3.72 20.52 -0.61
CA ILE B 226 -3.66 19.40 0.36
C ILE B 226 -4.60 18.24 -0.01
N THR B 227 -5.18 18.26 -1.21
CA THR B 227 -6.15 17.27 -1.77
C THR B 227 -7.26 16.97 -0.76
N ASP B 229 -8.75 20.83 -4.65
CA ASP B 229 -7.72 21.43 -5.49
C ASP B 229 -8.28 22.82 -5.77
N LEU B 230 -8.69 23.41 -4.64
CA LEU B 230 -9.32 24.70 -4.62
C LEU B 230 -8.34 25.67 -5.23
N VAL B 231 -7.04 25.50 -4.95
CA VAL B 231 -6.06 26.47 -5.48
C VAL B 231 -5.63 26.25 -6.95
N PRO B 232 -4.94 25.16 -7.35
CA PRO B 232 -4.64 24.98 -8.80
C PRO B 232 -5.88 24.96 -9.68
N LEU B 233 -6.99 24.39 -9.20
CA LEU B 233 -8.20 24.36 -10.02
C LEU B 233 -8.80 25.75 -10.18
N SER B 234 -8.52 26.67 -9.26
CA SER B 234 -9.01 28.03 -9.41
C SER B 234 -8.37 28.75 -10.60
N TYR B 235 -7.22 28.27 -11.07
CA TYR B 235 -6.58 28.89 -12.23
C TYR B 235 -7.14 28.37 -13.54
N ILE B 236 -7.77 27.19 -13.54
CA ILE B 236 -8.64 26.82 -14.65
C ILE B 236 -9.85 27.74 -14.68
N ALA B 237 -10.47 27.96 -13.52
CA ALA B 237 -11.59 28.88 -13.43
C ALA B 237 -11.16 30.30 -13.76
N GLY B 238 -9.96 30.69 -13.32
CA GLY B 238 -9.45 32.02 -13.64
C GLY B 238 -9.36 32.27 -15.13
N LEU B 239 -9.03 31.24 -15.91
CA LEU B 239 -9.02 31.37 -17.36
C LEU B 239 -10.44 31.50 -17.90
N LEU B 240 -11.36 30.67 -17.39
CA LEU B 240 -12.73 30.70 -17.91
C LEU B 240 -13.42 32.04 -17.62
N THR B 241 -13.06 32.68 -16.51
CA THR B 241 -13.68 33.94 -16.13
C THR B 241 -12.89 35.16 -16.61
N GLY B 242 -11.75 34.95 -17.27
CA GLY B 242 -10.96 36.06 -17.76
C GLY B 242 -10.31 36.90 -16.67
N ARG B 243 -9.74 36.26 -15.66
CA ARG B 243 -9.03 36.99 -14.63
C ARG B 243 -7.80 37.68 -15.22
N PRO B 244 -7.46 38.87 -14.71
CA PRO B 244 -6.31 39.59 -15.29
C PRO B 244 -4.99 38.86 -15.13
N ASN B 245 -4.79 38.16 -14.01
CA ASN B 245 -3.56 37.42 -13.80
C ASN B 245 -3.56 36.04 -14.45
N SER B 246 -4.68 35.62 -15.02
CA SER B 246 -4.76 34.31 -15.65
C SER B 246 -3.88 34.27 -16.90
N LYS B 247 -3.05 33.24 -17.00
CA LYS B 247 -2.16 33.06 -18.13
C LYS B 247 -2.34 31.66 -18.69
N ALA B 248 -2.27 31.55 -20.03
CA ALA B 248 -2.36 30.29 -20.73
C ALA B 248 -1.22 30.19 -21.73
N VAL B 249 -0.87 28.97 -22.09
CA VAL B 249 0.23 28.70 -23.00
C VAL B 249 -0.31 27.97 -24.22
N GLY B 250 0.23 28.29 -25.40
CA GLY B 250 -0.20 27.68 -26.63
C GLY B 250 0.57 26.41 -26.93
N PRO B 251 0.27 25.77 -28.06
CA PRO B 251 0.96 24.51 -28.39
C PRO B 251 2.46 24.66 -28.51
N THR B 252 2.94 25.81 -28.95
CA THR B 252 4.37 26.05 -29.15
C THR B 252 5.01 26.74 -27.95
N GLY B 253 4.30 26.85 -26.83
CA GLY B 253 4.83 27.49 -25.65
C GLY B 253 4.58 28.99 -25.57
N VAL B 254 3.83 29.56 -26.51
CA VAL B 254 3.57 30.99 -26.50
C VAL B 254 2.59 31.33 -25.38
N ILE B 255 2.96 32.31 -24.57
CA ILE B 255 2.09 32.76 -23.49
C ILE B 255 0.91 33.52 -24.08
N LEU B 256 -0.27 33.34 -23.50
CA LEU B 256 -1.50 33.91 -24.03
C LEU B 256 -2.29 34.57 -22.92
N SER B 257 -3.07 35.57 -23.29
CA SER B 257 -4.02 36.18 -22.38
C SER B 257 -5.30 35.36 -22.36
N PRO B 258 -6.15 35.57 -21.35
CA PRO B 258 -7.46 34.88 -21.36
C PRO B 258 -8.28 35.21 -22.60
N GLU B 259 -8.19 36.44 -23.12
CA GLU B 259 -8.89 36.79 -24.34
C GLU B 259 -8.28 36.07 -25.54
N GLU B 260 -6.95 36.03 -25.63
CA GLU B 260 -6.29 35.33 -26.72
C GLU B 260 -6.57 33.83 -26.65
N ALA B 261 -6.54 33.26 -25.45
CA ALA B 261 -6.81 31.83 -25.29
C ALA B 261 -8.17 31.46 -25.86
N PHE B 262 -9.20 32.21 -25.48
CA PHE B 262 -10.54 31.96 -26.01
C PHE B 262 -10.56 32.04 -27.52
N LYS B 263 -9.82 32.99 -28.10
CA LYS B 263 -9.79 33.15 -29.55
C LYS B 263 -9.18 31.93 -30.22
N LEU B 264 -7.96 31.56 -29.79
CA LEU B 264 -7.30 30.38 -30.37
C LEU B 264 -8.10 29.11 -30.08
N ALA B 265 -8.72 29.03 -28.90
CA ALA B 265 -9.48 27.84 -28.54
C ALA B 265 -10.78 27.73 -29.33
N GLY B 266 -11.29 28.84 -29.83
CA GLY B 266 -12.57 28.85 -30.50
C GLY B 266 -13.77 29.02 -29.59
N VAL B 267 -13.56 29.30 -28.31
CA VAL B 267 -14.67 29.50 -27.39
C VAL B 267 -15.36 30.81 -27.72
N GLU B 268 -16.65 30.74 -28.02
CA GLU B 268 -17.45 31.92 -28.35
C GLU B 268 -18.19 32.42 -27.11
N GLY B 269 -18.70 33.65 -27.21
CA GLY B 269 -19.49 34.23 -26.16
C GLY B 269 -18.72 34.99 -25.10
N GLY B 270 -17.40 34.90 -25.10
CA GLY B 270 -16.61 35.60 -24.12
C GLY B 270 -16.52 34.86 -22.79
N PHE B 271 -15.94 35.54 -21.81
CA PHE B 271 -15.70 34.93 -20.51
C PHE B 271 -17.01 34.59 -19.82
N PHE B 272 -16.95 33.58 -18.95
CA PHE B 272 -18.13 33.11 -18.22
C PHE B 272 -18.29 33.90 -16.93
N GLU B 273 -19.51 34.36 -16.68
CA GLU B 273 -19.89 34.92 -15.37
C GLU B 273 -20.45 33.77 -14.55
N LEU B 274 -19.62 33.20 -13.69
CA LEU B 274 -19.99 31.99 -12.97
C LEU B 274 -21.29 32.21 -12.19
N GLN B 275 -22.17 31.23 -12.26
CA GLN B 275 -23.40 31.21 -11.49
C GLN B 275 -23.17 30.49 -10.17
N PRO B 276 -24.12 30.53 -9.25
CA PRO B 276 -23.93 29.86 -7.97
C PRO B 276 -23.59 28.38 -8.16
N LYS B 277 -22.68 27.89 -7.31
CA LYS B 277 -22.23 26.50 -7.32
C LYS B 277 -21.24 26.22 -8.45
N GLU B 278 -21.27 27.02 -9.52
CA GLU B 278 -20.35 26.79 -10.63
C GLU B 278 -18.91 27.04 -10.22
N GLY B 279 -18.66 28.01 -9.33
CA GLY B 279 -17.33 28.17 -8.78
C GLY B 279 -16.89 26.94 -8.01
N LEU B 280 -17.74 26.45 -7.10
CA LEU B 280 -17.41 25.25 -6.36
C LEU B 280 -17.28 24.04 -7.29
N ALA B 281 -18.18 23.92 -8.27
CA ALA B 281 -18.12 22.81 -9.20
C ALA B 281 -16.76 22.72 -9.87
N LEU B 282 -16.15 23.87 -10.18
CA LEU B 282 -14.89 23.87 -10.91
C LEU B 282 -13.69 23.62 -10.01
N VAL B 283 -13.71 24.13 -8.77
CA VAL B 283 -12.51 24.10 -7.93
C VAL B 283 -12.54 23.02 -6.87
N ASN B 284 -13.69 22.42 -6.58
CA ASN B 284 -13.83 21.55 -5.41
C ASN B 284 -13.51 20.09 -5.70
N GLY B 285 -12.95 19.76 -6.86
CA GLY B 285 -12.67 18.39 -7.20
C GLY B 285 -11.28 17.93 -6.77
N THR B 286 -10.97 16.68 -7.11
CA THR B 286 -9.64 16.10 -6.92
C THR B 286 -8.94 15.86 -8.26
N ALA B 287 -9.29 16.67 -9.27
CA ALA B 287 -8.88 16.37 -10.63
C ALA B 287 -7.36 16.45 -10.81
N VAL B 288 -6.71 17.39 -10.14
CA VAL B 288 -5.27 17.55 -10.34
C VAL B 288 -4.51 16.35 -9.80
N GLY B 289 -4.78 15.98 -8.55
CA GLY B 289 -4.14 14.79 -7.99
C GLY B 289 -4.48 13.54 -8.77
N SER B 290 -5.78 13.27 -8.95
CA SER B 290 -6.19 12.08 -9.68
C SER B 290 -5.73 12.15 -11.14
N GLY B 291 -5.73 13.35 -11.72
CA GLY B 291 -5.34 13.49 -13.11
C GLY B 291 -3.91 13.05 -13.35
N MET B 292 -3.01 13.34 -12.43
CA MET B 292 -1.62 12.97 -12.61
C MET B 292 -1.32 11.54 -12.15
N ALA B 293 -2.01 11.06 -11.11
CA ALA B 293 -1.88 9.66 -10.75
C ALA B 293 -2.22 8.76 -11.94
N SER B 294 -3.13 9.19 -12.79
CA SER B 294 -3.44 8.42 -14.00
C SER B 294 -2.25 8.40 -14.95
N MET B 295 -1.62 9.55 -15.16
CA MET B 295 -0.40 9.59 -15.99
C MET B 295 0.68 8.69 -15.39
N VAL B 296 0.90 8.81 -14.09
CA VAL B 296 1.92 8.01 -13.42
C VAL B 296 1.59 6.53 -13.52
N LEU B 297 0.35 6.16 -13.20
CA LEU B 297 -0.03 4.75 -13.21
C LEU B 297 0.06 4.14 -14.60
N PHE B 298 -0.23 4.93 -15.64
CA PHE B 298 -0.04 4.43 -17.00
C PHE B 298 1.41 4.05 -17.25
N GLU B 299 2.34 4.95 -16.91
CA GLU B 299 3.76 4.65 -17.04
C GLU B 299 4.16 3.50 -16.12
N ALA B 300 3.59 3.45 -14.92
CA ALA B 300 3.96 2.42 -13.95
C ALA B 300 3.53 1.04 -14.41
N ASN B 301 2.32 0.93 -14.98
CA ASN B 301 1.85 -0.37 -15.47
C ASN B 301 2.78 -0.92 -16.54
N ILE B 302 3.23 -0.05 -17.46
CA ILE B 302 4.12 -0.50 -18.53
C ILE B 302 5.47 -0.90 -17.97
N LEU B 303 6.06 -0.07 -17.10
CA LEU B 303 7.37 -0.38 -16.55
C LEU B 303 7.34 -1.66 -15.72
N ALA B 304 6.19 -1.99 -15.14
CA ALA B 304 6.07 -3.25 -14.42
C ALA B 304 6.24 -4.45 -15.35
N VAL B 305 5.60 -4.40 -16.51
CA VAL B 305 5.77 -5.48 -17.49
C VAL B 305 7.18 -5.47 -18.04
N LEU B 306 7.74 -4.27 -18.26
CA LEU B 306 9.13 -4.18 -18.71
C LEU B 306 10.08 -4.83 -17.71
N ALA B 307 9.84 -4.63 -16.41
CA ALA B 307 10.67 -5.26 -15.40
C ALA B 307 10.54 -6.78 -15.45
N GLU B 308 9.33 -7.28 -15.71
CA GLU B 308 9.15 -8.72 -15.85
C GLU B 308 9.95 -9.27 -17.03
N VAL B 309 9.75 -8.70 -18.21
CA VAL B 309 10.44 -9.18 -19.41
C VAL B 309 11.95 -9.09 -19.23
N MET B 310 12.43 -7.93 -18.77
CA MET B 310 13.87 -7.76 -18.60
C MET B 310 14.45 -8.76 -17.60
N SER B 311 13.69 -9.11 -16.56
CA SER B 311 14.14 -10.14 -15.64
C SER B 311 14.40 -11.45 -16.37
N ALA B 312 13.57 -11.77 -17.37
CA ALA B 312 13.79 -12.97 -18.15
C ALA B 312 15.01 -12.84 -19.05
N ILE B 313 15.15 -11.70 -19.74
CA ILE B 313 16.33 -11.47 -20.57
C ILE B 313 17.58 -11.49 -19.70
N PHE B 314 17.50 -10.90 -18.52
CA PHE B 314 18.60 -10.99 -17.56
C PHE B 314 18.94 -12.44 -17.25
N ALA B 315 17.92 -13.26 -17.00
CA ALA B 315 18.14 -14.69 -16.80
C ALA B 315 18.65 -15.38 -18.05
N GLU B 316 18.38 -14.81 -19.23
CA GLU B 316 18.90 -15.37 -20.48
C GLU B 316 20.40 -15.15 -20.60
N VAL B 317 20.83 -13.88 -20.57
CA VAL B 317 22.24 -13.58 -20.73
C VAL B 317 23.08 -14.10 -19.57
N MET B 318 22.47 -14.29 -18.40
CA MET B 318 23.18 -14.83 -17.25
C MET B 318 23.32 -16.35 -17.32
N GLN B 319 22.63 -17.01 -18.23
CA GLN B 319 22.65 -18.48 -18.32
C GLN B 319 22.16 -19.10 -17.03
N GLY B 320 21.16 -18.48 -16.41
CA GLY B 320 20.60 -19.00 -15.19
C GLY B 320 19.66 -20.16 -15.43
N LYS B 321 19.52 -21.00 -14.42
CA LYS B 321 18.66 -22.17 -14.51
C LYS B 321 17.22 -21.73 -14.71
N PRO B 322 16.59 -22.02 -15.85
CA PRO B 322 15.17 -21.64 -16.03
C PRO B 322 14.22 -22.34 -15.09
N GLU B 323 14.72 -23.28 -14.28
CA GLU B 323 13.89 -23.98 -13.30
C GLU B 323 13.21 -23.03 -12.32
N PHE B 324 13.74 -21.81 -12.15
CA PHE B 324 13.16 -20.88 -11.20
C PHE B 324 11.79 -20.37 -11.64
N THR B 325 11.36 -20.66 -12.86
CA THR B 325 10.05 -20.28 -13.36
C THR B 325 9.05 -21.43 -13.35
N ASP B 326 9.43 -22.57 -12.79
CA ASP B 326 8.53 -23.72 -12.77
C ASP B 326 7.22 -23.37 -12.07
N HIS B 327 6.10 -23.66 -12.72
CA HIS B 327 4.80 -23.20 -12.24
C HIS B 327 4.48 -23.79 -10.87
N LEU B 328 4.98 -24.99 -10.55
CA LEU B 328 4.66 -25.61 -9.27
C LEU B 328 5.09 -24.72 -8.12
N THR B 329 6.32 -24.22 -8.17
CA THR B 329 6.82 -23.32 -7.12
C THR B 329 5.85 -22.18 -6.88
N HIS B 330 5.34 -21.58 -7.95
CA HIS B 330 4.50 -20.39 -7.84
C HIS B 330 3.03 -20.73 -7.66
N LYS B 331 2.58 -21.87 -8.20
CA LYS B 331 1.23 -22.35 -7.91
C LYS B 331 1.04 -22.54 -6.41
N LEU B 332 2.08 -22.99 -5.72
CA LEU B 332 1.97 -23.33 -4.30
C LEU B 332 2.00 -22.11 -3.38
N LYS B 333 2.32 -20.92 -3.90
CA LYS B 333 2.19 -19.71 -3.11
C LYS B 333 0.86 -19.00 -3.34
N HIS B 334 0.19 -19.27 -4.46
CA HIS B 334 -1.16 -18.76 -4.75
C HIS B 334 -1.15 -17.32 -5.23
N HIS B 335 -0.16 -16.52 -4.81
CA HIS B 335 -0.13 -15.11 -5.17
C HIS B 335 -0.26 -14.94 -6.67
N PRO B 336 -1.26 -14.21 -7.16
CA PRO B 336 -1.44 -14.12 -8.62
C PRO B 336 -0.36 -13.31 -9.30
N GLY B 337 0.09 -12.21 -8.70
CA GLY B 337 1.16 -11.42 -9.30
C GLY B 337 2.42 -12.24 -9.50
N GLN B 338 2.77 -13.06 -8.51
CA GLN B 338 3.94 -13.92 -8.63
C GLN B 338 3.72 -14.99 -9.71
N ILE B 339 2.49 -15.48 -9.82
CA ILE B 339 2.19 -16.53 -10.81
C ILE B 339 2.31 -15.97 -12.22
N GLU B 340 1.72 -14.80 -12.46
CA GLU B 340 1.82 -14.20 -13.79
C GLU B 340 3.27 -13.83 -14.12
N ALA B 341 4.00 -13.30 -13.15
CA ALA B 341 5.40 -12.92 -13.39
C ALA B 341 6.23 -14.15 -13.76
N ALA B 342 6.14 -15.20 -12.94
CA ALA B 342 6.83 -16.44 -13.27
C ALA B 342 6.42 -16.97 -14.64
N ALA B 343 5.14 -16.82 -14.98
CA ALA B 343 4.65 -17.34 -16.26
C ALA B 343 5.15 -16.49 -17.42
N ILE B 344 5.31 -15.17 -17.22
CA ILE B 344 5.80 -14.30 -18.27
C ILE B 344 7.27 -14.61 -18.57
N MET B 345 8.09 -14.73 -17.53
CA MET B 345 9.50 -15.07 -17.73
C MET B 345 9.63 -16.46 -18.34
N GLU B 346 8.75 -17.39 -17.93
CA GLU B 346 8.78 -18.74 -18.48
C GLU B 346 8.56 -18.71 -19.99
N HIS B 347 7.68 -17.82 -20.46
CA HIS B 347 7.42 -17.74 -21.90
C HIS B 347 8.67 -17.26 -22.65
N ILE B 348 9.41 -16.32 -22.07
CA ILE B 348 10.62 -15.82 -22.71
C ILE B 348 11.68 -16.92 -22.76
N LEU B 349 11.88 -17.61 -21.63
CA LEU B 349 12.93 -18.62 -21.55
C LEU B 349 12.57 -19.88 -22.33
N ASP B 350 11.29 -20.25 -22.36
CA ASP B 350 10.87 -21.43 -23.10
C ASP B 350 11.10 -21.28 -24.60
N GLY B 351 11.17 -20.04 -25.10
CA GLY B 351 11.41 -19.80 -26.51
C GLY B 351 12.75 -19.16 -26.75
N SER B 352 13.75 -19.53 -25.95
CA SER B 352 15.09 -18.99 -26.05
C SER B 352 15.99 -19.97 -26.81
N ALA B 353 16.83 -19.43 -27.69
CA ALA B 353 17.77 -20.25 -28.45
C ALA B 353 19.02 -20.61 -27.65
N TYR B 354 19.28 -19.92 -26.54
CA TYR B 354 20.40 -20.28 -25.68
C TYR B 354 20.13 -21.56 -24.87
N VAL B 355 18.88 -22.01 -24.82
CA VAL B 355 18.51 -23.16 -23.99
C VAL B 355 19.50 -24.30 -24.16
N LYS B 356 19.98 -24.50 -25.37
CA LYS B 356 20.96 -25.55 -25.65
C LYS B 356 22.27 -25.27 -24.93
N GLN B 372 23.87 -22.30 -6.83
CA GLN B 372 22.58 -21.85 -7.34
C GLN B 372 22.68 -20.43 -7.88
N ASP B 373 21.61 -19.97 -8.52
CA ASP B 373 21.52 -18.58 -8.94
C ASP B 373 21.21 -17.70 -7.73
N ARG B 374 21.58 -16.43 -7.84
CA ARG B 374 21.38 -15.48 -6.76
C ARG B 374 19.97 -14.90 -6.81
N TYR B 375 19.60 -14.20 -5.74
CA TYR B 375 18.19 -13.89 -5.51
C TYR B 375 17.64 -12.89 -6.50
N ALA B 376 18.46 -11.95 -6.99
CA ALA B 376 17.99 -11.01 -8.00
C ALA B 376 17.46 -11.75 -9.23
N LEU B 377 17.88 -13.00 -9.43
CA LEU B 377 17.42 -13.83 -10.54
C LEU B 377 16.41 -14.87 -10.07
N ARG B 378 16.82 -15.74 -9.15
CA ARG B 378 16.02 -16.91 -8.78
C ARG B 378 14.72 -16.53 -8.08
N THR B 379 14.63 -15.35 -7.46
CA THR B 379 13.46 -14.95 -6.70
C THR B 379 12.74 -13.75 -7.30
N SER B 380 13.08 -13.37 -8.53
CA SER B 380 12.45 -12.19 -9.12
C SER B 380 10.93 -12.30 -9.21
N PRO B 381 10.33 -13.45 -9.55
CA PRO B 381 8.86 -13.50 -9.56
C PRO B 381 8.25 -13.24 -8.19
N GLN B 382 8.81 -13.84 -7.14
CA GLN B 382 8.36 -13.54 -5.78
C GLN B 382 8.50 -12.06 -5.46
N TRP B 383 9.54 -11.40 -5.99
CA TRP B 383 9.77 -10.00 -5.66
C TRP B 383 8.84 -9.08 -6.45
N LEU B 384 8.67 -9.34 -7.74
CA LEU B 384 7.85 -8.46 -8.58
C LEU B 384 6.36 -8.72 -8.39
N GLY B 385 5.98 -9.94 -8.04
CA GLY B 385 4.58 -10.28 -7.90
C GLY B 385 3.79 -9.27 -7.11
N PRO B 386 4.16 -9.06 -5.85
CA PRO B 386 3.39 -8.13 -5.01
C PRO B 386 3.41 -6.70 -5.52
N GLN B 387 4.47 -6.30 -6.23
CA GLN B 387 4.55 -4.94 -6.73
C GLN B 387 3.51 -4.71 -7.82
N ILE B 388 3.27 -5.71 -8.66
CA ILE B 388 2.28 -5.59 -9.72
C ILE B 388 0.87 -5.61 -9.13
N GLU B 389 0.65 -6.35 -8.05
CA GLU B 389 -0.66 -6.37 -7.42
C GLU B 389 -0.99 -5.01 -6.80
N VAL B 390 0.00 -4.36 -6.17
CA VAL B 390 -0.21 -3.03 -5.63
C VAL B 390 -0.46 -2.03 -6.75
N ILE B 391 0.34 -2.11 -7.82
CA ILE B 391 0.17 -1.17 -8.94
C ILE B 391 -1.18 -1.38 -9.60
N ARG B 392 -1.60 -2.65 -9.76
CA ARG B 392 -2.89 -2.93 -10.38
C ARG B 392 -4.04 -2.51 -9.46
N SER B 393 -3.93 -2.83 -8.17
CA SER B 393 -4.93 -2.37 -7.22
C SER B 393 -5.01 -0.85 -7.21
N SER B 394 -3.86 -0.18 -7.15
CA SER B 394 -3.83 1.28 -7.14
C SER B 394 -4.46 1.86 -8.40
N THR B 395 -4.31 1.18 -9.54
CA THR B 395 -4.92 1.66 -10.78
C THR B 395 -6.43 1.74 -10.64
N LYS B 396 -7.06 0.67 -10.15
CA LYS B 396 -8.51 0.64 -10.05
C LYS B 396 -9.01 1.71 -9.08
N MET B 397 -8.27 1.96 -8.01
CA MET B 397 -8.64 3.02 -7.09
C MET B 397 -8.72 4.35 -7.82
N ILE B 398 -7.71 4.66 -8.63
CA ILE B 398 -7.67 5.93 -9.34
C ILE B 398 -8.70 5.96 -10.45
N GLU B 399 -8.92 4.83 -11.13
CA GLU B 399 -9.92 4.78 -12.19
C GLU B 399 -11.32 4.98 -11.63
N ARG B 400 -11.56 4.62 -10.37
CA ARG B 400 -12.82 4.99 -9.74
C ARG B 400 -12.86 6.47 -9.38
N GLU B 401 -11.72 7.01 -8.96
CA GLU B 401 -11.67 8.41 -8.55
C GLU B 401 -11.94 9.35 -9.72
N ILE B 402 -11.41 9.03 -10.92
CA ILE B 402 -11.59 9.90 -12.08
C ILE B 402 -12.96 9.78 -12.71
N ASN B 403 -13.77 8.81 -12.27
CA ASN B 403 -15.17 8.72 -12.65
C ASN B 403 -16.10 9.01 -11.47
N SER B 404 -15.56 9.53 -10.37
CA SER B 404 -16.35 9.86 -9.21
C SER B 404 -16.89 11.28 -9.31
N VAL B 405 -17.75 11.64 -8.35
CA VAL B 405 -18.23 13.00 -8.20
C VAL B 405 -17.61 13.53 -6.92
N ASN B 406 -16.51 14.26 -7.06
CA ASN B 406 -15.81 14.85 -5.92
C ASN B 406 -16.25 16.28 -5.66
N ASP B 407 -17.39 16.68 -6.20
CA ASP B 407 -17.93 18.01 -5.98
C ASP B 407 -18.51 18.12 -4.58
N ASN B 408 -18.97 19.31 -4.23
CA ASN B 408 -19.69 19.52 -2.96
C ASN B 408 -20.27 20.92 -2.92
N PRO B 409 -21.57 21.07 -2.60
CA PRO B 409 -22.55 20.02 -2.33
C PRO B 409 -23.06 19.36 -3.61
N LEU B 410 -23.55 18.12 -3.50
CA LEU B 410 -24.14 17.44 -4.64
C LEU B 410 -25.57 17.88 -4.84
N ILE B 411 -25.96 18.06 -6.09
CA ILE B 411 -27.31 18.48 -6.46
C ILE B 411 -28.09 17.24 -6.85
N ASP B 412 -29.02 16.82 -5.99
CA ASP B 412 -29.87 15.66 -6.24
C ASP B 412 -31.26 16.18 -6.59
N VAL B 413 -31.56 16.25 -7.89
CA VAL B 413 -32.87 16.76 -8.32
C VAL B 413 -33.97 15.77 -7.97
N SER B 414 -33.65 14.47 -7.92
CA SER B 414 -34.67 13.47 -7.65
C SER B 414 -35.27 13.63 -6.26
N ARG B 415 -34.52 14.23 -5.34
CA ARG B 415 -35.01 14.50 -3.99
C ARG B 415 -35.08 15.98 -3.68
N ASN B 416 -34.80 16.85 -4.64
CA ASN B 416 -35.02 18.29 -4.51
C ASN B 416 -34.29 18.85 -3.28
N LYS B 417 -32.97 18.65 -3.27
CA LYS B 417 -32.14 19.18 -2.20
C LYS B 417 -30.68 18.95 -2.55
N ALA B 418 -29.81 19.71 -1.89
CA ALA B 418 -28.37 19.58 -2.03
C ALA B 418 -27.83 18.70 -0.90
N ILE B 419 -26.88 17.83 -1.24
CA ILE B 419 -26.33 16.86 -0.30
C ILE B 419 -24.90 17.30 0.03
N HIS B 420 -24.67 17.71 1.27
CA HIS B 420 -23.34 18.09 1.71
C HIS B 420 -22.58 16.87 2.21
N GLY B 421 -21.36 16.71 1.74
CA GLY B 421 -20.52 15.57 2.08
C GLY B 421 -19.06 15.95 2.00
N GLY B 422 -18.22 14.97 1.68
CA GLY B 422 -16.78 15.19 1.63
C GLY B 422 -16.07 14.40 0.57
N ASN B 423 -16.70 14.23 -0.60
CA ASN B 423 -16.08 13.49 -1.70
C ASN B 423 -14.85 14.19 -2.26
N PHE B 424 -14.58 15.43 -1.85
CA PHE B 424 -13.36 16.11 -2.24
C PHE B 424 -12.13 15.57 -1.48
N GLN B 425 -12.33 14.80 -0.42
CA GLN B 425 -11.23 14.19 0.32
C GLN B 425 -10.56 13.15 -0.56
N GLY B 426 -9.40 13.49 -1.10
CA GLY B 426 -8.73 12.63 -2.07
C GLY B 426 -7.89 11.52 -1.47
N THR B 427 -8.34 10.94 -0.36
CA THR B 427 -7.61 9.84 0.26
C THR B 427 -7.24 8.74 -0.72
N PRO B 428 -8.11 8.34 -1.66
CA PRO B 428 -7.70 7.28 -2.62
C PRO B 428 -6.46 7.67 -3.41
N ILE B 429 -6.23 8.96 -3.64
CA ILE B 429 -5.07 9.39 -4.40
C ILE B 429 -3.80 9.25 -3.57
N GLY B 430 -3.81 9.78 -2.36
CA GLY B 430 -2.62 9.70 -1.51
C GLY B 430 -2.24 8.27 -1.17
N VAL B 431 -3.24 7.45 -0.84
CA VAL B 431 -2.96 6.06 -0.47
C VAL B 431 -2.38 5.31 -1.66
N SER B 432 -3.08 5.34 -2.80
CA SER B 432 -2.63 4.59 -3.97
C SER B 432 -1.26 5.08 -4.46
N MET B 433 -0.98 6.37 -4.31
CA MET B 433 0.31 6.89 -4.77
C MET B 433 1.44 6.55 -3.81
N ASP B 434 1.19 6.63 -2.50
CA ASP B 434 2.19 6.18 -1.54
C ASP B 434 2.51 4.71 -1.74
N ASN B 435 1.48 3.86 -1.85
CA ASN B 435 1.70 2.44 -2.04
C ASN B 435 2.41 2.16 -3.37
N THR B 436 2.02 2.90 -4.43
CA THR B 436 2.64 2.67 -5.73
C THR B 436 4.11 3.11 -5.74
N ARG B 437 4.42 4.21 -5.05
CA ARG B 437 5.80 4.69 -5.01
C ARG B 437 6.69 3.66 -4.31
N LEU B 438 6.20 3.05 -3.23
CA LEU B 438 6.97 2.00 -2.58
C LEU B 438 7.18 0.81 -3.52
N ALA B 439 6.17 0.47 -4.31
CA ALA B 439 6.31 -0.63 -5.26
C ALA B 439 7.29 -0.27 -6.37
N ILE B 440 7.24 0.97 -6.86
CA ILE B 440 8.23 1.42 -7.82
C ILE B 440 9.64 1.29 -7.25
N ALA B 441 9.81 1.68 -5.98
CA ALA B 441 11.12 1.56 -5.36
C ALA B 441 11.57 0.11 -5.28
N ALA B 442 10.65 -0.79 -4.95
CA ALA B 442 11.00 -2.21 -4.88
C ALA B 442 11.38 -2.74 -6.26
N ILE B 443 10.68 -2.30 -7.30
CA ILE B 443 11.04 -2.70 -8.66
C ILE B 443 12.44 -2.18 -8.99
N GLY B 444 12.70 -0.91 -8.67
CA GLY B 444 14.02 -0.36 -8.92
C GLY B 444 15.11 -1.08 -8.15
N LYS B 445 14.84 -1.43 -6.89
CA LYS B 445 15.82 -2.18 -6.10
C LYS B 445 16.20 -3.49 -6.78
N LEU B 446 15.21 -4.19 -7.37
CA LEU B 446 15.52 -5.42 -8.08
C LEU B 446 16.37 -5.17 -9.31
N MET B 447 16.05 -4.11 -10.08
CA MET B 447 16.85 -3.77 -11.25
C MET B 447 18.29 -3.48 -10.87
N PHE B 448 18.50 -2.78 -9.75
CA PHE B 448 19.86 -2.50 -9.31
C PHE B 448 20.60 -3.78 -8.97
N ALA B 449 19.95 -4.70 -8.24
CA ALA B 449 20.59 -5.95 -7.86
C ALA B 449 20.90 -6.80 -9.09
N GLN B 450 19.98 -6.84 -10.05
CA GLN B 450 20.23 -7.58 -11.29
C GLN B 450 21.38 -6.95 -12.06
N PHE B 451 21.30 -5.64 -12.29
CA PHE B 451 22.38 -4.94 -12.99
C PHE B 451 23.72 -5.22 -12.33
N SER B 452 23.76 -5.23 -10.99
CA SER B 452 25.01 -5.50 -10.29
C SER B 452 25.54 -6.89 -10.61
N GLU B 453 24.66 -7.89 -10.60
CA GLU B 453 25.08 -9.25 -10.96
C GLU B 453 25.58 -9.33 -12.39
N LEU B 454 24.90 -8.63 -13.30
CA LEU B 454 25.22 -8.76 -14.72
C LEU B 454 26.60 -8.19 -15.05
N VAL B 455 27.07 -7.20 -14.31
CA VAL B 455 28.34 -6.55 -14.62
C VAL B 455 29.49 -7.04 -13.76
N ASN B 456 29.23 -7.93 -12.79
CA ASN B 456 30.27 -8.46 -11.91
C ASN B 456 30.72 -9.81 -12.45
N ASP B 457 32.01 -9.91 -12.78
CA ASP B 457 32.56 -11.13 -13.36
C ASP B 457 32.54 -12.30 -12.39
N PHE B 458 32.30 -12.07 -11.11
CA PHE B 458 32.16 -13.17 -10.16
C PHE B 458 30.80 -13.85 -10.25
N TYR B 459 29.79 -13.17 -10.79
CA TYR B 459 28.42 -13.65 -10.74
C TYR B 459 27.76 -13.79 -12.11
N ASN B 460 28.41 -13.36 -13.19
CA ASN B 460 27.75 -13.26 -14.49
C ASN B 460 28.08 -14.41 -15.42
N ASN B 461 28.71 -15.48 -14.92
CA ASN B 461 28.90 -16.71 -15.69
C ASN B 461 29.62 -16.44 -17.00
N GLY B 462 30.85 -15.91 -16.89
CA GLY B 462 31.75 -15.81 -18.02
C GLY B 462 31.66 -14.51 -18.81
N LEU B 463 30.76 -13.61 -18.47
CA LEU B 463 30.75 -12.32 -19.14
C LEU B 463 31.85 -11.42 -18.59
N PRO B 464 32.40 -10.55 -19.41
CA PRO B 464 33.53 -9.73 -18.95
C PRO B 464 33.10 -8.75 -17.88
N SER B 465 34.03 -8.48 -16.95
CA SER B 465 33.77 -7.49 -15.92
C SER B 465 33.38 -6.16 -16.55
N ASN B 466 32.39 -5.50 -15.97
CA ASN B 466 31.85 -4.24 -16.47
C ASN B 466 31.19 -4.38 -17.84
N LEU B 467 31.10 -5.61 -18.37
CA LEU B 467 30.61 -5.82 -19.72
C LEU B 467 31.46 -5.05 -20.73
N SER B 468 32.77 -5.00 -20.46
CA SER B 468 33.69 -4.36 -21.38
C SER B 468 33.66 -5.06 -22.74
N GLY B 469 33.70 -4.27 -23.80
CA GLY B 469 33.56 -4.80 -25.14
C GLY B 469 34.79 -4.64 -26.01
N GLY B 470 35.88 -4.12 -25.46
CA GLY B 470 37.09 -3.87 -26.22
C GLY B 470 38.13 -4.97 -26.06
N ARG B 471 39.07 -5.00 -27.01
CA ARG B 471 40.11 -6.02 -26.97
C ARG B 471 41.08 -5.79 -25.81
N ASN B 472 41.29 -4.53 -25.42
CA ASN B 472 42.19 -4.20 -24.33
C ASN B 472 41.36 -3.84 -23.11
N PRO B 473 41.18 -4.75 -22.15
CA PRO B 473 40.34 -4.41 -20.99
C PRO B 473 40.90 -3.30 -20.13
N SER B 474 42.20 -3.02 -20.22
CA SER B 474 42.79 -1.90 -19.50
C SER B 474 42.40 -0.55 -20.08
N LEU B 475 41.82 -0.53 -21.28
CA LEU B 475 41.32 0.69 -21.91
C LEU B 475 39.84 0.56 -22.26
N ASP B 476 39.09 -0.22 -21.47
CA ASP B 476 37.65 -0.36 -21.69
C ASP B 476 37.05 -0.83 -20.36
N TYR B 477 36.43 0.11 -19.63
CA TYR B 477 35.76 -0.19 -18.37
C TYR B 477 34.25 -0.26 -18.52
N GLY B 478 33.75 -0.38 -19.74
CA GLY B 478 32.35 -0.65 -20.01
C GLY B 478 31.36 0.15 -19.19
N PHE B 479 30.59 -0.55 -18.36
CA PHE B 479 29.47 0.03 -17.62
C PHE B 479 29.83 0.37 -16.18
N LYS B 480 31.11 0.54 -15.87
CA LYS B 480 31.51 0.85 -14.50
C LYS B 480 30.91 2.19 -14.06
N GLY B 481 30.91 3.17 -14.96
CA GLY B 481 30.28 4.45 -14.63
C GLY B 481 28.77 4.35 -14.57
N ALA B 482 28.19 3.58 -15.49
CA ALA B 482 26.74 3.36 -15.45
C ALA B 482 26.33 2.63 -14.18
N GLU B 483 27.12 1.65 -13.76
CA GLU B 483 26.83 0.94 -12.52
C GLU B 483 26.78 1.91 -11.34
N VAL B 484 27.70 2.87 -11.29
CA VAL B 484 27.67 3.88 -10.24
C VAL B 484 26.40 4.72 -10.34
N ALA B 485 26.00 5.07 -11.57
CA ALA B 485 24.76 5.83 -11.74
C ALA B 485 23.57 5.02 -11.27
N MET B 486 23.57 3.72 -11.53
CA MET B 486 22.47 2.86 -11.09
C MET B 486 22.30 2.93 -9.58
N ALA B 487 23.41 2.92 -8.84
CA ALA B 487 23.32 3.03 -7.39
C ALA B 487 22.76 4.39 -6.98
N SER B 488 23.12 5.44 -7.70
CA SER B 488 22.56 6.76 -7.40
C SER B 488 21.08 6.82 -7.74
N TYR B 489 20.69 6.22 -8.86
CA TYR B 489 19.27 6.10 -9.18
C TYR B 489 18.53 5.33 -8.10
N CYS B 490 19.14 4.24 -7.60
CA CYS B 490 18.44 3.38 -6.66
C CYS B 490 18.29 4.03 -5.29
N SER B 491 19.34 4.71 -4.81
CA SER B 491 19.28 5.32 -3.50
C SER B 491 18.19 6.39 -3.44
N GLU B 492 18.15 7.28 -4.44
CA GLU B 492 17.14 8.32 -4.44
C GLU B 492 15.74 7.73 -4.54
N LEU B 493 15.61 6.53 -5.12
CA LEU B 493 14.31 5.89 -5.22
C LEU B 493 13.86 5.34 -3.88
N GLN B 494 14.77 4.74 -3.11
CA GLN B 494 14.42 4.31 -1.76
C GLN B 494 14.06 5.49 -0.88
N PHE B 495 14.71 6.64 -1.09
CA PHE B 495 14.33 7.85 -0.37
C PHE B 495 12.90 8.26 -0.72
N LEU B 496 12.59 8.32 -2.01
CA LEU B 496 11.24 8.67 -2.44
C LEU B 496 10.21 7.62 -2.01
N ALA B 497 10.64 6.42 -1.66
CA ALA B 497 9.70 5.38 -1.26
C ALA B 497 8.92 5.76 0.00
N ASN B 498 9.39 6.74 0.76
CA ASN B 498 8.68 7.15 1.96
C ASN B 498 7.32 7.77 1.59
N PRO B 499 6.33 7.66 2.45
CA PRO B 499 4.99 8.16 2.13
C PRO B 499 4.87 9.66 2.36
N VAL B 500 3.80 10.22 1.79
CA VAL B 500 3.48 11.62 1.93
C VAL B 500 2.29 11.77 2.87
N THR B 501 1.39 10.79 2.84
CA THR B 501 0.14 10.91 3.54
C THR B 501 0.29 10.83 5.06
N ASN B 502 1.48 10.56 5.58
CA ASN B 502 1.72 10.58 7.02
C ASN B 502 2.29 11.92 7.49
N HIS B 503 2.12 12.98 6.70
CA HIS B 503 2.55 14.33 7.06
C HIS B 503 1.39 15.30 6.96
N VAL B 504 0.18 14.84 7.29
CA VAL B 504 -0.99 15.69 7.22
C VAL B 504 -0.93 16.74 8.32
N GLN B 505 -1.31 17.97 7.98
CA GLN B 505 -1.39 19.07 8.92
C GLN B 505 -2.84 19.47 9.11
N SER B 506 -3.20 19.88 10.32
CA SER B 506 -4.54 20.40 10.57
C SER B 506 -4.66 21.76 9.90
N ALA B 507 -5.42 21.83 8.81
CA ALA B 507 -5.35 22.94 7.87
C ALA B 507 -6.62 23.79 7.90
N GLU B 508 -6.51 24.96 7.27
CA GLU B 508 -7.61 25.92 7.12
C GLU B 508 -8.36 26.12 8.43
N GLN B 509 -7.68 26.79 9.35
CA GLN B 509 -8.22 27.05 10.69
C GLN B 509 -8.77 25.78 11.32
N HIS B 510 -8.15 24.65 10.99
CA HIS B 510 -8.46 23.34 11.54
C HIS B 510 -9.81 22.81 11.07
N ASN B 511 -10.41 23.42 10.04
CA ASN B 511 -11.57 22.81 9.39
C ASN B 511 -11.17 21.59 8.59
N GLN B 512 -9.97 21.60 8.02
CA GLN B 512 -9.45 20.45 7.26
C GLN B 512 -8.43 19.69 8.10
N ASP B 513 -8.88 19.24 9.27
CA ASP B 513 -7.99 18.55 10.19
C ASP B 513 -7.49 17.21 9.66
N VAL B 514 -8.03 16.74 8.54
CA VAL B 514 -7.43 15.65 7.78
C VAL B 514 -7.51 15.99 6.31
N ASN B 515 -6.45 15.66 5.56
CA ASN B 515 -6.41 15.88 4.12
C ASN B 515 -5.46 14.86 3.52
N SER B 516 -5.67 14.57 2.23
CA SER B 516 -5.03 13.40 1.63
C SER B 516 -3.63 13.67 1.13
N LEU B 517 -3.32 14.91 0.72
CA LEU B 517 -2.03 15.22 0.12
C LEU B 517 -1.80 14.38 -1.14
N GLY B 518 -2.87 14.08 -1.86
CA GLY B 518 -2.78 13.20 -3.01
C GLY B 518 -1.82 13.71 -4.08
N LEU B 519 -2.03 14.95 -4.54
CA LEU B 519 -1.21 15.47 -5.64
C LEU B 519 0.27 15.50 -5.25
N ILE B 520 0.58 15.90 -4.02
CA ILE B 520 1.96 15.85 -3.57
C ILE B 520 2.49 14.42 -3.72
N SER B 521 1.69 13.44 -3.32
CA SER B 521 2.11 12.04 -3.46
C SER B 521 2.24 11.67 -4.94
N SER B 522 1.28 12.11 -5.77
CA SER B 522 1.40 11.88 -7.21
C SER B 522 2.70 12.45 -7.75
N ARG B 523 3.08 13.64 -7.28
CA ARG B 523 4.32 14.26 -7.73
C ARG B 523 5.53 13.41 -7.36
N LYS B 524 5.58 12.92 -6.13
CA LYS B 524 6.73 12.12 -5.71
C LYS B 524 6.74 10.77 -6.40
N THR B 525 5.56 10.18 -6.64
CA THR B 525 5.51 8.93 -7.39
C THR B 525 5.91 9.16 -8.84
N SER B 526 5.50 10.28 -9.42
CA SER B 526 5.95 10.64 -10.76
C SER B 526 7.46 10.79 -10.79
N GLU B 527 8.05 11.38 -9.74
CA GLU B 527 9.50 11.47 -9.66
C GLU B 527 10.12 10.09 -9.57
N ALA B 528 9.53 9.18 -8.78
CA ALA B 528 10.04 7.82 -8.71
C ALA B 528 9.92 7.11 -10.05
N VAL B 529 8.88 7.41 -10.82
CA VAL B 529 8.68 6.75 -12.11
C VAL B 529 9.78 7.17 -13.09
N GLU B 530 10.05 8.47 -13.18
CA GLU B 530 11.07 8.95 -14.11
C GLU B 530 12.44 8.40 -13.76
N ILE B 531 12.73 8.26 -12.46
CA ILE B 531 14.01 7.67 -12.06
C ILE B 531 14.07 6.20 -12.46
N LEU B 532 12.93 5.49 -12.40
CA LEU B 532 12.92 4.10 -12.84
C LEU B 532 13.10 4.00 -14.35
N LYS B 533 12.63 5.00 -15.10
CA LYS B 533 12.93 5.06 -16.53
C LYS B 533 14.43 5.19 -16.78
N LEU B 534 15.15 5.87 -15.89
CA LEU B 534 16.60 5.97 -16.03
C LEU B 534 17.26 4.62 -15.79
N MET B 535 16.77 3.87 -14.80
CA MET B 535 17.35 2.56 -14.52
C MET B 535 16.99 1.56 -15.61
N SER B 536 15.79 1.65 -16.17
CA SER B 536 15.39 0.75 -17.24
C SER B 536 16.20 1.02 -18.51
N THR B 537 16.36 2.29 -18.87
CA THR B 537 17.21 2.65 -20.00
C THR B 537 18.61 2.09 -19.82
N THR B 538 19.23 2.34 -18.66
CA THR B 538 20.59 1.88 -18.43
C THR B 538 20.67 0.37 -18.39
N PHE B 539 19.73 -0.28 -17.71
CA PHE B 539 19.72 -1.74 -17.65
C PHE B 539 19.46 -2.35 -19.02
N LEU B 540 18.51 -1.77 -19.78
CA LEU B 540 18.14 -2.32 -21.08
C LEU B 540 19.33 -2.29 -22.03
N VAL B 541 19.99 -1.12 -22.14
CA VAL B 541 21.18 -1.03 -22.97
C VAL B 541 22.25 -1.99 -22.46
N GLY B 542 22.33 -2.15 -21.14
CA GLY B 542 23.29 -3.09 -20.57
C GLY B 542 23.02 -4.52 -20.99
N LEU B 543 21.74 -4.90 -21.06
CA LEU B 543 21.39 -6.26 -21.47
C LEU B 543 21.79 -6.51 -22.92
N CYS B 544 21.51 -5.55 -23.80
CA CYS B 544 21.93 -5.70 -25.20
C CYS B 544 23.43 -5.83 -25.32
N GLN B 545 24.18 -5.14 -24.46
CA GLN B 545 25.63 -5.32 -24.41
C GLN B 545 25.98 -6.76 -24.03
N ALA B 546 25.33 -7.29 -22.99
CA ALA B 546 25.57 -8.67 -22.58
C ALA B 546 25.22 -9.65 -23.70
N ILE B 547 24.18 -9.35 -24.47
CA ILE B 547 23.80 -10.21 -25.59
C ILE B 547 24.91 -10.25 -26.62
N ASP B 548 25.41 -9.07 -27.02
CA ASP B 548 26.50 -9.03 -27.99
C ASP B 548 27.76 -9.69 -27.45
N LEU B 549 27.94 -9.69 -26.12
CA LEU B 549 29.11 -10.33 -25.54
C LEU B 549 28.97 -11.84 -25.49
N ARG B 550 27.74 -12.35 -25.40
CA ARG B 550 27.54 -13.79 -25.59
C ARG B 550 27.74 -14.17 -27.05
N HIS B 551 27.32 -13.30 -27.97
CA HIS B 551 27.59 -13.54 -29.39
C HIS B 551 29.09 -13.57 -29.67
N LEU B 552 29.84 -12.65 -29.07
CA LEU B 552 31.29 -12.66 -29.24
C LEU B 552 31.90 -13.90 -28.58
N GLU B 553 31.36 -14.31 -27.44
CA GLU B 553 31.90 -15.48 -26.74
C GLU B 553 31.77 -16.74 -27.58
N GLU B 554 30.56 -17.00 -28.10
CA GLU B 554 30.34 -18.22 -28.85
C GLU B 554 31.21 -18.28 -30.10
N ASN B 555 31.28 -17.18 -30.84
CA ASN B 555 32.11 -17.15 -32.05
C ASN B 555 33.57 -17.41 -31.72
N LEU B 556 34.10 -16.75 -30.69
CA LEU B 556 35.50 -16.91 -30.32
C LEU B 556 35.76 -18.21 -29.57
N LYS B 557 34.74 -18.78 -28.91
CA LYS B 557 34.88 -20.11 -28.36
C LYS B 557 35.06 -21.14 -29.47
N SER B 558 34.24 -21.03 -30.51
CA SER B 558 34.39 -21.91 -31.67
C SER B 558 35.76 -21.73 -32.32
N THR B 559 36.23 -20.48 -32.44
CA THR B 559 37.51 -20.23 -33.08
C THR B 559 38.66 -20.89 -32.32
N VAL B 560 38.69 -20.72 -31.00
CA VAL B 560 39.77 -21.31 -30.21
C VAL B 560 39.74 -22.83 -30.31
N LYS B 561 38.54 -23.42 -30.25
CA LYS B 561 38.42 -24.87 -30.41
C LYS B 561 39.05 -25.32 -31.72
N ASN B 562 38.68 -24.66 -32.82
CA ASN B 562 39.14 -25.08 -34.15
C ASN B 562 40.65 -25.09 -34.23
N THR B 563 41.29 -23.95 -33.94
CA THR B 563 42.74 -23.85 -34.12
C THR B 563 43.47 -24.74 -33.13
N VAL B 564 42.88 -25.00 -31.97
CA VAL B 564 43.47 -25.96 -31.03
C VAL B 564 43.48 -27.35 -31.65
N SER B 565 42.39 -27.71 -32.34
CA SER B 565 42.35 -28.98 -33.05
C SER B 565 43.31 -28.99 -34.24
N SER B 566 43.50 -27.84 -34.89
CA SER B 566 44.48 -27.76 -35.97
C SER B 566 45.88 -28.00 -35.44
N VAL B 567 46.27 -27.30 -34.39
CA VAL B 567 47.59 -27.50 -33.80
C VAL B 567 47.71 -28.89 -33.19
N ALA B 568 46.59 -29.47 -32.75
CA ALA B 568 46.62 -30.80 -32.17
C ALA B 568 46.79 -31.87 -33.25
N LYS B 569 46.04 -31.77 -34.34
CA LYS B 569 46.15 -32.75 -35.40
C LYS B 569 47.49 -32.66 -36.12
N ARG B 570 48.03 -31.44 -36.26
CA ARG B 570 49.27 -31.24 -36.97
C ARG B 570 50.50 -31.43 -36.09
N VAL B 571 50.40 -31.13 -34.80
CA VAL B 571 51.53 -31.20 -33.88
C VAL B 571 51.44 -32.37 -32.93
N LEU B 572 50.36 -33.14 -32.97
CA LEU B 572 50.20 -34.28 -32.07
C LEU B 572 49.29 -35.34 -32.68
N CYS B 586 44.50 -36.54 -25.46
CA CYS B 586 45.15 -35.27 -25.79
C CYS B 586 44.17 -34.30 -26.41
N GLU B 587 43.79 -34.56 -27.66
CA GLU B 587 42.92 -33.64 -28.38
C GLU B 587 41.55 -33.54 -27.73
N LYS B 588 41.01 -34.67 -27.26
CA LYS B 588 39.67 -34.67 -26.69
C LYS B 588 39.62 -33.90 -25.37
N ASP B 589 40.72 -33.90 -24.61
CA ASP B 589 40.76 -33.13 -23.37
C ASP B 589 41.13 -31.67 -23.64
N LEU B 590 42.07 -31.43 -24.57
CA LEU B 590 42.41 -30.06 -24.92
C LEU B 590 41.20 -29.31 -25.46
N LEU B 591 40.37 -29.99 -26.27
CA LEU B 591 39.16 -29.36 -26.77
C LEU B 591 38.13 -29.15 -25.66
N ARG B 592 38.13 -30.01 -24.65
CA ARG B 592 37.23 -29.84 -23.52
C ARG B 592 37.61 -28.63 -22.67
N VAL B 593 38.90 -28.31 -22.61
CA VAL B 593 39.36 -27.13 -21.87
C VAL B 593 38.71 -25.87 -22.44
N VAL B 594 38.65 -25.77 -23.76
CA VAL B 594 38.11 -24.55 -24.39
C VAL B 594 36.64 -24.38 -24.06
N ASP B 595 35.87 -25.47 -24.09
CA ASP B 595 34.44 -25.38 -23.82
C ASP B 595 34.18 -24.93 -22.39
N ARG B 596 34.99 -25.42 -21.44
CA ARG B 596 34.75 -25.11 -20.03
C ARG B 596 35.17 -23.68 -19.71
N GLU B 597 36.37 -23.28 -20.15
CA GLU B 597 36.93 -22.00 -19.73
C GLU B 597 36.12 -20.84 -20.27
N TYR B 598 36.10 -19.75 -19.50
CA TYR B 598 35.43 -18.52 -19.91
C TYR B 598 36.29 -17.77 -20.91
N ILE B 599 35.69 -17.37 -22.03
CA ILE B 599 36.43 -16.70 -23.10
C ILE B 599 37.14 -15.46 -22.54
N PHE B 600 36.36 -14.55 -21.98
CA PHE B 600 36.89 -13.25 -21.57
C PHE B 600 37.84 -13.32 -20.39
N ALA B 601 38.20 -14.52 -19.93
CA ALA B 601 39.28 -14.67 -18.96
C ALA B 601 40.64 -14.72 -19.63
N TYR B 602 40.69 -14.92 -20.94
CA TYR B 602 41.95 -15.03 -21.66
C TYR B 602 41.93 -14.44 -23.07
N ILE B 603 40.77 -14.01 -23.58
CA ILE B 603 40.67 -13.74 -25.02
C ILE B 603 41.43 -12.48 -25.41
N ASP B 604 41.57 -11.52 -24.49
CA ASP B 604 42.34 -10.32 -24.81
C ASP B 604 43.80 -10.63 -25.07
N ASP B 605 44.29 -11.77 -24.58
CA ASP B 605 45.66 -12.22 -24.83
C ASP B 605 45.69 -13.74 -24.71
N PRO B 606 45.14 -14.44 -25.71
CA PRO B 606 44.91 -15.89 -25.55
C PRO B 606 46.14 -16.68 -25.12
N CYS B 607 47.28 -16.44 -25.77
CA CYS B 607 48.49 -17.19 -25.49
C CYS B 607 49.29 -16.60 -24.33
N SER B 608 48.71 -15.68 -23.57
CA SER B 608 49.40 -15.13 -22.41
C SER B 608 49.69 -16.25 -21.41
N ALA B 609 50.94 -16.31 -20.96
CA ALA B 609 51.33 -17.35 -20.00
C ALA B 609 50.57 -17.22 -18.70
N THR B 610 50.26 -16.00 -18.28
CA THR B 610 49.54 -15.76 -17.04
C THR B 610 48.04 -15.99 -17.17
N TYR B 611 47.52 -16.19 -18.38
CA TYR B 611 46.10 -16.42 -18.60
C TYR B 611 45.81 -17.91 -18.67
N PRO B 612 44.54 -18.30 -18.47
CA PRO B 612 44.24 -19.72 -18.25
C PRO B 612 44.36 -20.59 -19.49
N LEU B 613 43.85 -20.15 -20.65
CA LEU B 613 43.88 -21.01 -21.84
C LEU B 613 45.27 -21.58 -22.07
N MET B 614 46.29 -20.71 -22.07
CA MET B 614 47.66 -21.16 -22.20
C MET B 614 48.24 -21.57 -20.85
N GLN B 615 47.53 -22.47 -20.16
CA GLN B 615 47.92 -22.92 -18.83
C GLN B 615 47.19 -24.22 -18.52
N LYS B 616 45.86 -24.23 -18.74
CA LYS B 616 45.11 -25.47 -18.61
C LYS B 616 45.48 -26.47 -19.69
N LEU B 617 45.90 -25.98 -20.87
CA LEU B 617 46.37 -26.88 -21.92
C LEU B 617 47.69 -27.53 -21.51
N ARG B 618 48.59 -26.77 -20.90
CA ARG B 618 49.79 -27.37 -20.33
C ARG B 618 49.43 -28.41 -19.29
N GLN B 619 48.72 -27.99 -18.24
CA GLN B 619 48.23 -28.93 -17.24
C GLN B 619 47.58 -30.14 -17.88
N THR B 620 46.79 -29.92 -18.94
CA THR B 620 46.13 -31.02 -19.62
C THR B 620 47.14 -31.95 -20.27
N LEU B 621 48.04 -31.40 -21.09
CA LEU B 621 49.04 -32.24 -21.75
C LEU B 621 49.96 -32.93 -20.74
N VAL B 622 50.32 -32.22 -19.67
CA VAL B 622 51.19 -32.83 -18.66
C VAL B 622 50.47 -33.98 -17.97
N GLU B 623 49.15 -33.84 -17.77
CA GLU B 623 48.39 -34.92 -17.13
C GLU B 623 48.42 -36.19 -17.97
N HIS B 624 48.15 -36.05 -19.27
CA HIS B 624 48.21 -37.21 -20.16
C HIS B 624 49.62 -37.77 -20.25
N ALA B 625 50.63 -36.92 -20.16
CA ALA B 625 52.02 -37.39 -20.21
C ALA B 625 52.37 -38.18 -18.96
N LEU B 626 52.02 -37.66 -17.78
CA LEU B 626 52.34 -38.33 -16.53
C LEU B 626 51.66 -39.69 -16.42
N LYS B 627 50.61 -39.94 -17.20
CA LYS B 627 49.91 -41.22 -17.16
C LYS B 627 50.18 -42.03 -18.43
N PHE B 640 55.81 -34.79 -22.93
CA PHE B 640 56.44 -33.55 -22.48
C PHE B 640 57.26 -32.90 -23.61
N GLN B 641 57.80 -33.75 -24.50
CA GLN B 641 58.62 -33.25 -25.59
C GLN B 641 57.79 -32.60 -26.69
N LYS B 642 56.49 -32.87 -26.74
CA LYS B 642 55.61 -32.29 -27.74
C LYS B 642 54.91 -31.02 -27.26
N ILE B 643 55.14 -30.61 -26.02
CA ILE B 643 54.46 -29.42 -25.49
C ILE B 643 54.94 -28.17 -26.20
N ALA B 644 56.25 -27.92 -26.16
CA ALA B 644 56.78 -26.65 -26.68
C ALA B 644 56.43 -26.46 -28.14
N THR B 645 56.50 -27.53 -28.94
CA THR B 645 56.19 -27.39 -30.36
C THR B 645 54.73 -27.04 -30.58
N PHE B 646 53.83 -27.68 -29.83
CA PHE B 646 52.41 -27.35 -29.92
C PHE B 646 52.14 -25.91 -29.48
N GLU B 647 52.82 -25.47 -28.41
CA GLU B 647 52.65 -24.09 -27.98
C GLU B 647 53.22 -23.12 -29.01
N ASP B 648 54.45 -23.34 -29.45
CA ASP B 648 55.02 -22.51 -30.51
C ASP B 648 54.09 -22.49 -31.73
N GLU B 649 53.47 -23.62 -32.05
CA GLU B 649 52.54 -23.67 -33.16
C GLU B 649 51.25 -22.92 -32.84
N LEU B 650 50.78 -23.00 -31.59
CA LEU B 650 49.57 -22.28 -31.21
C LEU B 650 49.85 -20.79 -31.01
N LYS B 651 50.99 -20.45 -30.40
CA LYS B 651 51.35 -19.05 -30.21
C LYS B 651 51.44 -18.31 -31.54
N ALA B 652 51.90 -18.99 -32.58
CA ALA B 652 52.07 -18.36 -33.88
C ALA B 652 50.77 -18.23 -34.65
N LEU B 653 49.75 -19.03 -34.32
CA LEU B 653 48.54 -19.13 -35.12
C LEU B 653 47.30 -18.57 -34.43
N LEU B 654 47.24 -18.59 -33.09
CA LEU B 654 45.99 -18.24 -32.43
C LEU B 654 45.68 -16.75 -32.51
N PRO B 655 46.62 -15.83 -32.24
CA PRO B 655 46.30 -14.40 -32.39
C PRO B 655 45.75 -14.04 -33.76
N LYS B 656 46.33 -14.59 -34.83
CA LYS B 656 45.84 -14.28 -36.18
C LYS B 656 44.40 -14.72 -36.37
N GLU B 657 44.08 -15.94 -35.93
CA GLU B 657 42.73 -16.47 -36.14
C GLU B 657 41.71 -15.76 -35.27
N VAL B 658 42.08 -15.43 -34.03
CA VAL B 658 41.16 -14.74 -33.13
C VAL B 658 40.83 -13.35 -33.67
N GLU B 659 41.86 -12.58 -34.03
CA GLU B 659 41.64 -11.22 -34.51
C GLU B 659 40.80 -11.21 -35.78
N SER B 660 40.93 -12.22 -36.63
CA SER B 660 40.18 -12.25 -37.88
C SER B 660 38.71 -12.54 -37.63
N ALA B 661 38.41 -13.45 -36.71
CA ALA B 661 37.03 -13.75 -36.38
C ALA B 661 36.37 -12.60 -35.63
N ARG B 662 37.12 -11.93 -34.76
CA ARG B 662 36.58 -10.78 -34.05
C ARG B 662 36.35 -9.62 -35.00
N ALA B 663 37.26 -9.43 -35.97
CA ALA B 663 37.06 -8.39 -36.98
C ALA B 663 35.88 -8.73 -37.89
N ALA B 664 35.72 -10.02 -38.22
CA ALA B 664 34.59 -10.44 -39.05
C ALA B 664 33.27 -10.13 -38.37
N LEU B 665 33.16 -10.48 -37.09
CA LEU B 665 31.95 -10.15 -36.34
C LEU B 665 31.71 -8.65 -36.32
N GLU B 666 32.77 -7.85 -36.20
CA GLU B 666 32.63 -6.40 -36.21
C GLU B 666 32.14 -5.89 -37.55
N SER B 667 32.48 -6.58 -38.65
CA SER B 667 32.09 -6.14 -39.98
C SER B 667 30.68 -6.60 -40.37
N GLY B 668 30.07 -7.48 -39.58
CA GLY B 668 28.73 -7.96 -39.86
C GLY B 668 28.65 -9.31 -40.53
N ASN B 669 29.75 -10.07 -40.56
CA ASN B 669 29.77 -11.40 -41.18
C ASN B 669 30.44 -12.39 -40.24
N PRO B 670 29.90 -12.58 -39.04
CA PRO B 670 30.49 -13.53 -38.10
C PRO B 670 30.29 -14.96 -38.56
N ALA B 671 31.04 -15.87 -37.92
CA ALA B 671 30.90 -17.29 -38.23
C ALA B 671 29.55 -17.82 -37.74
N ILE B 672 29.31 -17.74 -36.44
CA ILE B 672 28.05 -18.16 -35.84
C ILE B 672 27.19 -16.94 -35.64
N PRO B 673 25.98 -16.88 -36.19
CA PRO B 673 25.15 -15.68 -36.05
C PRO B 673 24.64 -15.52 -34.62
N ASN B 674 24.23 -14.29 -34.31
CA ASN B 674 23.72 -13.98 -32.98
C ASN B 674 22.46 -14.77 -32.71
N ARG B 675 22.50 -15.63 -31.68
CA ARG B 675 21.36 -16.48 -31.37
C ARG B 675 20.14 -15.69 -30.92
N ILE B 676 20.32 -14.44 -30.51
CA ILE B 676 19.18 -13.64 -30.05
C ILE B 676 18.10 -13.58 -31.11
N GLU B 677 18.49 -13.61 -32.39
CA GLU B 677 17.53 -13.50 -33.47
C GLU B 677 16.50 -14.62 -33.45
N GLU B 678 16.81 -15.75 -32.82
CA GLU B 678 15.89 -16.87 -32.71
C GLU B 678 15.26 -16.97 -31.32
N CYS B 679 15.30 -15.89 -30.54
CA CYS B 679 14.71 -15.86 -29.22
C CYS B 679 13.44 -15.01 -29.22
N ARG B 680 12.56 -15.28 -28.25
CA ARG B 680 11.35 -14.49 -28.10
C ARG B 680 11.63 -13.10 -27.58
N SER B 681 12.81 -12.88 -27.00
CA SER B 681 13.21 -11.57 -26.50
C SER B 681 13.83 -10.69 -27.57
N TYR B 682 13.85 -11.14 -28.82
CA TYR B 682 14.51 -10.37 -29.87
C TYR B 682 13.89 -9.01 -30.13
N PRO B 683 12.57 -8.82 -30.05
CA PRO B 683 12.00 -7.51 -30.42
C PRO B 683 12.64 -6.33 -29.69
N LEU B 684 12.87 -6.43 -28.39
CA LEU B 684 13.48 -5.33 -27.65
C LEU B 684 14.91 -5.09 -28.10
N TYR B 685 15.68 -6.16 -28.31
CA TYR B 685 17.05 -6.02 -28.81
C TYR B 685 17.05 -5.37 -30.19
N LYS B 686 16.17 -5.83 -31.08
CA LYS B 686 16.10 -5.27 -32.42
C LYS B 686 15.76 -3.78 -32.37
N PHE B 687 14.86 -3.40 -31.44
CA PHE B 687 14.47 -2.00 -31.34
C PHE B 687 15.61 -1.14 -30.83
N VAL B 688 16.26 -1.56 -29.74
CA VAL B 688 17.36 -0.78 -29.18
C VAL B 688 18.53 -0.73 -30.15
N ARG B 689 18.95 -1.89 -30.63
CA ARG B 689 20.21 -1.98 -31.38
C ARG B 689 20.04 -1.63 -32.85
N LYS B 690 18.89 -1.93 -33.45
CA LYS B 690 18.68 -1.74 -34.88
C LYS B 690 17.83 -0.51 -35.18
N GLU B 691 16.61 -0.45 -34.63
CA GLU B 691 15.71 0.65 -34.94
C GLU B 691 16.25 1.97 -34.41
N LEU B 692 16.63 2.02 -33.12
CA LEU B 692 17.10 3.25 -32.52
C LEU B 692 18.51 3.62 -32.93
N GLY B 693 19.33 2.64 -33.33
CA GLY B 693 20.70 2.90 -33.69
C GLY B 693 21.70 2.76 -32.56
N THR B 694 21.25 2.35 -31.37
CA THR B 694 22.18 2.09 -30.27
C THR B 694 23.28 1.15 -30.75
N GLU B 695 24.49 1.37 -30.26
CA GLU B 695 25.66 0.66 -30.76
C GLU B 695 26.41 -0.02 -29.62
N TYR B 696 27.00 -1.16 -29.94
CA TYR B 696 27.87 -1.91 -29.04
C TYR B 696 28.96 -1.02 -28.50
N LEU B 697 29.01 -0.87 -27.18
CA LEU B 697 29.96 0.04 -26.54
C LEU B 697 31.31 -0.63 -26.38
N THR B 698 32.36 0.08 -26.79
CA THR B 698 33.72 -0.45 -26.72
C THR B 698 34.69 0.72 -26.52
N GLY B 699 35.71 0.47 -25.70
CA GLY B 699 36.71 1.49 -25.42
C GLY B 699 37.59 1.86 -26.61
N GLU B 700 37.57 1.05 -27.66
CA GLU B 700 38.32 1.35 -28.88
C GLU B 700 37.67 2.46 -29.70
N LYS B 701 36.43 2.80 -29.42
CA LYS B 701 35.76 3.96 -30.01
C LYS B 701 35.60 5.04 -28.94
N VAL B 702 35.12 6.20 -29.38
CA VAL B 702 34.97 7.34 -28.49
C VAL B 702 33.56 7.49 -27.93
N THR B 703 32.57 6.81 -28.51
CA THR B 703 31.20 6.93 -28.01
C THR B 703 31.12 6.47 -26.56
N SER B 704 30.40 7.23 -25.74
CA SER B 704 30.25 6.96 -24.32
C SER B 704 28.92 6.27 -24.03
N PRO B 705 28.79 5.61 -22.87
CA PRO B 705 27.52 4.95 -22.56
C PRO B 705 26.35 5.91 -22.55
N GLY B 706 26.52 7.11 -22.00
CA GLY B 706 25.43 8.07 -21.96
C GLY B 706 24.84 8.32 -23.33
N GLU B 707 25.69 8.58 -24.33
CA GLU B 707 25.20 8.82 -25.68
C GLU B 707 24.25 7.73 -26.13
N GLU B 708 24.56 6.47 -25.79
CA GLU B 708 23.67 5.37 -26.15
C GLU B 708 22.45 5.33 -25.26
N PHE B 709 22.59 5.67 -23.98
CA PHE B 709 21.43 5.76 -23.11
C PHE B 709 20.44 6.81 -23.60
N GLU B 710 20.95 7.93 -24.11
CA GLU B 710 20.08 9.00 -24.60
C GLU B 710 19.06 8.46 -25.60
N LYS B 711 19.53 7.66 -26.57
CA LYS B 711 18.64 7.18 -27.62
C LYS B 711 17.50 6.37 -27.04
N VAL B 712 17.79 5.52 -26.04
CA VAL B 712 16.76 4.67 -25.47
C VAL B 712 15.85 5.47 -24.53
N PHE B 713 16.42 6.39 -23.75
CA PHE B 713 15.62 7.14 -22.79
C PHE B 713 14.62 8.04 -23.51
N ILE B 714 15.04 8.69 -24.60
CA ILE B 714 14.13 9.53 -25.36
C ILE B 714 13.02 8.68 -25.99
N ALA B 715 13.41 7.60 -26.67
CA ALA B 715 12.42 6.68 -27.22
C ALA B 715 11.47 6.19 -26.15
N MET B 716 12.01 5.90 -24.95
CA MET B 716 11.18 5.43 -23.86
C MET B 716 10.24 6.53 -23.37
N SER B 717 10.71 7.78 -23.35
CA SER B 717 9.87 8.89 -22.91
C SER B 717 8.71 9.16 -23.87
N LYS B 718 8.81 8.67 -25.11
CA LYS B 718 7.77 8.87 -26.12
C LYS B 718 6.97 7.61 -26.39
N GLY B 719 7.13 6.57 -25.55
CA GLY B 719 6.33 5.37 -25.67
C GLY B 719 6.78 4.39 -26.72
N GLU B 720 7.95 4.60 -27.32
CA GLU B 720 8.41 3.70 -28.38
C GLU B 720 8.86 2.34 -27.86
N ILE B 721 8.97 2.17 -26.54
CA ILE B 721 9.32 0.87 -26.00
C ILE B 721 8.11 -0.05 -25.88
N ILE B 722 6.90 0.51 -25.92
CA ILE B 722 5.69 -0.28 -25.68
C ILE B 722 5.58 -1.40 -26.71
N ASP B 723 5.63 -1.05 -28.00
CA ASP B 723 5.43 -2.04 -29.06
C ASP B 723 6.40 -3.21 -28.93
N PRO B 724 7.72 -3.00 -28.97
CA PRO B 724 8.64 -4.16 -28.84
C PRO B 724 8.45 -4.92 -27.53
N LEU B 725 8.02 -4.25 -26.47
CA LEU B 725 7.80 -4.92 -25.20
C LEU B 725 6.68 -5.95 -25.31
N LEU B 726 5.49 -5.50 -25.72
CA LEU B 726 4.36 -6.41 -25.85
C LEU B 726 4.63 -7.47 -26.91
N GLU B 727 5.41 -7.13 -27.94
CA GLU B 727 5.74 -8.11 -28.97
C GLU B 727 6.53 -9.29 -28.40
N SER B 728 7.22 -9.09 -27.28
CA SER B 728 7.93 -10.20 -26.64
C SER B 728 6.98 -11.24 -26.07
N LEU B 729 5.71 -10.88 -25.86
CA LEU B 729 4.73 -11.79 -25.27
C LEU B 729 3.49 -11.94 -26.16
N GLU B 730 3.60 -11.61 -27.45
CA GLU B 730 2.43 -11.62 -28.32
C GLU B 730 1.86 -13.03 -28.46
N SER B 731 2.72 -14.04 -28.50
CA SER B 731 2.29 -15.42 -28.72
C SER B 731 1.96 -16.15 -27.43
N TRP B 732 2.07 -15.50 -26.28
CA TRP B 732 1.75 -16.14 -25.00
C TRP B 732 0.24 -16.25 -24.83
N ASN B 733 -0.22 -17.43 -24.47
CA ASN B 733 -1.64 -17.68 -24.30
C ASN B 733 -2.19 -17.20 -22.96
N GLY B 734 -1.37 -16.53 -22.15
CA GLY B 734 -1.84 -16.00 -20.88
C GLY B 734 -1.95 -17.03 -19.78
N ALA B 735 -1.28 -18.17 -19.91
CA ALA B 735 -1.31 -19.23 -18.92
C ALA B 735 0.06 -19.88 -18.85
N PRO B 736 0.43 -20.45 -17.70
CA PRO B 736 1.71 -21.15 -17.62
C PRO B 736 1.65 -22.47 -18.37
N LEU B 737 2.78 -22.86 -18.94
CA LEU B 737 2.81 -24.14 -19.63
C LEU B 737 2.74 -25.26 -18.60
N PRO B 738 2.30 -26.44 -19.01
CA PRO B 738 2.02 -27.51 -18.04
C PRO B 738 3.27 -27.95 -17.29
N ILE B 739 3.04 -28.73 -16.24
CA ILE B 739 4.13 -29.24 -15.41
C ILE B 739 4.93 -30.26 -16.21
N SER B 740 6.24 -30.09 -16.26
CA SER B 740 7.11 -30.96 -17.04
C SER B 740 6.68 -31.02 -18.50
#